data_5T6P
#
_entry.id   5T6P
#
_cell.length_a   69.700
_cell.length_b   69.700
_cell.length_c   363.430
_cell.angle_alpha   90.000
_cell.angle_beta   90.000
_cell.angle_gamma   120.000
#
_symmetry.space_group_name_H-M   'P 31 2 1'
#
loop_
_entity.id
_entity.type
_entity.pdbx_description
1 polymer 'Fab fragment AR20.5 - Light Chain'
2 polymer 'Fab Fragment - Heavy Chain'
3 polymer 'MUC1 Peptide Fragment'
4 water water
#
loop_
_entity_poly.entity_id
_entity_poly.type
_entity_poly.pdbx_seq_one_letter_code
_entity_poly.pdbx_strand_id
1 'polypeptide(L)'
;DVLMTQTPLSLPVSLGDQASISCRSSQTIVHSNGKIYLEWYLQKPGQSPKLLIYRVSKRFSGVPDRFSGSGSGTDFTLKI
SRVEAEDLGVYYCFQGSHVPWTFGGGTKLEIKRADAAPTVSIFPPSSEQLTSGGASVVCFLNNFYPKDINVKWKIDGSER
QNGVLNSWTDQDSKDSTYSMSSTLTLTKDEYERHNSYTCEATHKTSTSPIVKSFNR
;
A,C
2 'polypeptide(L)'
;EVKLVESGGGLVAPGGSLKLSCAASGFTFSSYPMSWVRQTPEKRLEWVAYINNGGGNPYYPDTVKGRFTISRDNAKNTLY
LQMSSLKSEDTAIYYCIRQYYGFDYWGQGTTLTVSSAKTTPPSVYPLAPGSAAQTNSMVTLGCLVKGYFPEPVTVTWNSG
SLSSGVHTFPAVLQSDLYTLSSSVTVPSSTWPSETVTCNVAHPASSTKVDKKIVP
;
B,D
3 'polypeptide(L)' APDTRPAP E,F
#
# COMPACT_ATOMS: atom_id res chain seq x y z
N ASP A 1 21.08 8.74 43.14
CA ASP A 1 20.42 7.91 42.10
C ASP A 1 21.45 7.38 41.12
N VAL A 2 21.05 6.38 40.33
CA VAL A 2 21.91 5.84 39.28
C VAL A 2 21.75 6.69 38.03
N LEU A 3 22.87 7.26 37.57
CA LEU A 3 22.90 8.09 36.37
C LEU A 3 23.22 7.22 35.16
N MET A 4 22.39 7.30 34.13
CA MET A 4 22.56 6.50 32.92
C MET A 4 22.86 7.44 31.75
N THR A 5 24.04 7.29 31.17
CA THR A 5 24.53 8.17 30.11
C THR A 5 24.74 7.36 28.84
N GLN A 6 24.09 7.77 27.76
CA GLN A 6 24.13 7.01 26.52
C GLN A 6 25.04 7.65 25.48
N THR A 7 25.65 6.79 24.66
CA THR A 7 26.58 7.21 23.62
C THR A 7 26.34 6.39 22.35
N PRO A 8 26.23 7.06 21.20
CA PRO A 8 26.28 8.51 20.97
C PRO A 8 24.94 9.18 21.24
N LEU A 9 24.83 10.45 20.85
CA LEU A 9 23.56 11.16 20.94
C LEU A 9 22.71 10.88 19.70
N SER A 10 23.35 10.80 18.54
CA SER A 10 22.69 10.48 17.28
C SER A 10 23.58 9.52 16.51
N LEU A 11 22.96 8.65 15.72
CA LEU A 11 23.70 7.60 15.03
C LEU A 11 23.14 7.42 13.62
N PRO A 12 23.77 8.02 12.61
CA PRO A 12 23.37 7.75 11.23
C PRO A 12 23.96 6.42 10.75
N VAL A 13 23.13 5.63 10.09
CA VAL A 13 23.54 4.30 9.68
C VAL A 13 22.77 3.91 8.44
N SER A 14 23.47 3.30 7.48
CA SER A 14 22.87 2.85 6.25
C SER A 14 22.13 1.53 6.48
N LEU A 15 21.15 1.25 5.63
CA LEU A 15 20.43 -0.02 5.73
C LEU A 15 21.40 -1.17 5.50
N GLY A 16 21.28 -2.20 6.33
CA GLY A 16 22.15 -3.34 6.27
C GLY A 16 23.41 -3.20 7.09
N ASP A 17 23.85 -1.97 7.35
CA ASP A 17 25.00 -1.73 8.20
C ASP A 17 24.62 -1.96 9.66
N GLN A 18 25.61 -1.90 10.54
CA GLN A 18 25.38 -2.15 11.95
C GLN A 18 25.31 -0.84 12.73
N ALA A 19 24.52 -0.86 13.81
CA ALA A 19 24.44 0.24 14.76
C ALA A 19 24.72 -0.29 16.16
N SER A 20 25.49 0.49 16.94
CA SER A 20 25.82 0.14 18.31
C SER A 20 25.54 1.34 19.21
N ILE A 21 24.85 1.10 20.32
CA ILE A 21 24.50 2.16 21.27
C ILE A 21 25.03 1.77 22.64
N SER A 22 25.81 2.66 23.24
CA SER A 22 26.43 2.44 24.53
C SER A 22 25.63 3.09 25.65
N CYS A 23 25.59 2.42 26.80
CA CYS A 23 25.01 2.94 28.02
C CYS A 23 26.06 2.81 29.12
N ARG A 24 26.24 3.88 29.89
CA ARG A 24 27.15 3.86 31.03
C ARG A 24 26.41 4.31 32.27
N SER A 25 26.54 3.55 33.35
CA SER A 25 25.96 3.91 34.63
C SER A 25 27.00 4.59 35.50
N SER A 26 26.51 5.31 36.52
CA SER A 26 27.36 5.96 37.51
C SER A 26 27.81 5.00 38.60
N GLN A 27 27.33 3.76 38.57
CA GLN A 27 27.68 2.76 39.57
C GLN A 27 27.37 1.40 38.97
N THR A 28 27.81 0.36 39.67
CA THR A 28 27.38 -0.99 39.37
C THR A 28 25.89 -1.13 39.62
N ILE A 29 25.20 -1.87 38.74
CA ILE A 29 23.76 -2.05 38.86
C ILE A 29 23.40 -3.52 39.00
N VAL A 30 24.04 -4.19 39.97
CA VAL A 30 23.69 -5.57 40.31
C VAL A 30 22.70 -5.52 41.47
N HIS A 31 21.57 -6.18 41.30
CA HIS A 31 20.56 -6.24 42.35
C HIS A 31 21.07 -7.09 43.51
N SER A 32 20.42 -6.92 44.68
CA SER A 32 20.77 -7.71 45.84
C SER A 32 20.74 -9.20 45.54
N ASN A 33 19.96 -9.61 44.54
CA ASN A 33 19.84 -11.01 44.15
C ASN A 33 20.94 -11.42 43.18
N GLY A 34 21.88 -10.54 42.86
CA GLY A 34 23.00 -10.88 42.01
C GLY A 34 22.77 -10.69 40.53
N LYS A 35 21.57 -10.30 40.12
CA LYS A 35 21.24 -10.10 38.71
C LYS A 35 21.26 -8.62 38.35
N ILE A 36 21.57 -8.35 37.07
CA ILE A 36 21.59 -6.99 36.53
C ILE A 36 20.31 -6.79 35.74
N TYR A 37 19.56 -5.75 36.08
CA TYR A 37 18.30 -5.42 35.41
C TYR A 37 18.49 -4.18 34.54
N LEU A 38 19.20 -4.39 33.43
CA LEU A 38 19.35 -3.37 32.41
C LEU A 38 18.43 -3.67 31.25
N GLU A 39 17.63 -2.68 30.85
CA GLU A 39 16.62 -2.83 29.82
C GLU A 39 16.82 -1.80 28.72
N TRP A 40 16.46 -2.17 27.50
CA TRP A 40 16.56 -1.30 26.35
C TRP A 40 15.16 -1.10 25.76
N TYR A 41 14.78 0.16 25.54
CA TYR A 41 13.50 0.50 24.97
C TYR A 41 13.72 1.26 23.67
N LEU A 42 12.79 1.10 22.73
CA LEU A 42 12.78 1.86 21.50
C LEU A 42 11.49 2.64 21.42
N GLN A 43 11.59 3.95 21.16
CA GLN A 43 10.43 4.77 20.87
C GLN A 43 10.46 5.18 19.40
N LYS A 44 9.60 4.55 18.60
CA LYS A 44 9.47 4.94 17.21
C LYS A 44 8.68 6.25 17.12
N PRO A 45 8.87 7.03 16.06
CA PRO A 45 8.14 8.29 15.93
C PRO A 45 6.64 8.12 16.12
N GLY A 46 6.09 8.93 17.01
CA GLY A 46 4.65 9.00 17.22
C GLY A 46 4.08 7.89 18.07
N GLN A 47 4.90 7.04 18.66
CA GLN A 47 4.42 5.88 19.39
C GLN A 47 4.94 5.90 20.82
N SER A 48 4.35 5.01 21.62
CA SER A 48 4.86 4.78 22.95
C SER A 48 6.16 3.98 22.87
N PRO A 49 7.00 4.04 23.91
CA PRO A 49 8.19 3.19 23.93
C PRO A 49 7.81 1.71 23.95
N LYS A 50 8.74 0.89 23.46
CA LYS A 50 8.56 -0.55 23.39
C LYS A 50 9.76 -1.22 24.03
N LEU A 51 9.52 -2.27 24.81
CA LEU A 51 10.58 -3.04 25.41
C LEU A 51 11.23 -3.93 24.36
N LEU A 52 12.55 -3.85 24.26
CA LEU A 52 13.32 -4.72 23.38
C LEU A 52 14.05 -5.80 24.15
N ILE A 53 14.80 -5.39 25.17
CA ILE A 53 15.69 -6.28 25.91
C ILE A 53 15.53 -6.00 27.39
N TYR A 54 15.62 -7.06 28.18
CA TYR A 54 15.60 -6.99 29.63
C TYR A 54 16.72 -7.88 30.14
N ARG A 55 17.11 -7.68 31.39
CA ARG A 55 18.15 -8.51 31.99
C ARG A 55 19.42 -8.47 31.13
N VAL A 56 19.74 -7.28 30.62
CA VAL A 56 20.95 -7.00 29.85
C VAL A 56 20.90 -7.54 28.42
N SER A 57 20.60 -8.84 28.26
CA SER A 57 20.71 -9.48 26.94
C SER A 57 19.49 -10.29 26.49
N LYS A 58 18.42 -10.34 27.28
CA LYS A 58 17.26 -11.17 26.97
C LYS A 58 16.28 -10.41 26.06
N ARG A 59 15.96 -11.00 24.91
CA ARG A 59 14.97 -10.42 24.00
C ARG A 59 13.57 -10.58 24.56
N PHE A 60 12.80 -9.49 24.56
CA PHE A 60 11.38 -9.58 24.85
C PHE A 60 10.66 -10.22 23.67
N SER A 61 9.51 -10.82 23.92
CA SER A 61 8.81 -11.55 22.88
C SER A 61 8.44 -10.61 21.74
N GLY A 62 8.72 -11.03 20.51
CA GLY A 62 8.43 -10.25 19.32
C GLY A 62 9.60 -9.44 18.79
N VAL A 63 10.71 -9.42 19.51
CA VAL A 63 11.88 -8.61 19.12
C VAL A 63 12.76 -9.46 18.23
N PRO A 64 13.08 -9.02 17.00
CA PRO A 64 13.83 -9.88 16.09
C PRO A 64 15.22 -10.19 16.59
N ASP A 65 15.80 -11.19 15.91
CA ASP A 65 17.07 -11.80 16.30
C ASP A 65 18.25 -10.84 16.17
N ARG A 66 18.10 -9.78 15.37
CA ARG A 66 19.20 -8.85 15.09
C ARG A 66 19.44 -7.83 16.20
N PHE A 67 18.59 -7.76 17.21
CA PHE A 67 18.83 -6.92 18.38
C PHE A 67 19.57 -7.72 19.44
N SER A 68 20.74 -7.22 19.84
CA SER A 68 21.62 -7.91 20.78
C SER A 68 22.03 -6.95 21.90
N GLY A 69 22.00 -7.45 23.14
CA GLY A 69 22.47 -6.70 24.29
C GLY A 69 23.66 -7.39 24.94
N SER A 70 24.49 -6.59 25.60
CA SER A 70 25.64 -7.12 26.33
C SER A 70 26.04 -6.12 27.39
N GLY A 71 26.97 -6.53 28.24
CA GLY A 71 27.67 -5.63 29.12
C GLY A 71 27.64 -6.09 30.57
N SER A 72 28.50 -5.45 31.36
CA SER A 72 28.55 -5.63 32.80
C SER A 72 29.31 -4.45 33.38
N GLY A 73 29.45 -4.43 34.71
CA GLY A 73 30.09 -3.31 35.35
C GLY A 73 29.23 -2.08 35.16
N THR A 74 29.76 -1.07 34.47
CA THR A 74 29.03 0.14 34.18
C THR A 74 28.76 0.33 32.69
N ASP A 75 29.24 -0.57 31.83
CA ASP A 75 29.18 -0.37 30.39
C ASP A 75 28.27 -1.43 29.77
N PHE A 76 27.25 -0.98 29.05
CA PHE A 76 26.26 -1.86 28.44
C PHE A 76 26.00 -1.40 27.03
N THR A 77 25.69 -2.34 26.14
CA THR A 77 25.67 -2.06 24.72
C THR A 77 24.54 -2.78 24.02
N LEU A 78 23.74 -2.01 23.28
CA LEU A 78 22.75 -2.54 22.34
C LEU A 78 23.34 -2.51 20.94
N LYS A 79 23.26 -3.65 20.24
CA LYS A 79 23.71 -3.78 18.87
C LYS A 79 22.54 -4.16 17.96
N ILE A 80 22.49 -3.53 16.78
CA ILE A 80 21.50 -3.85 15.74
C ILE A 80 22.28 -4.25 14.49
N SER A 81 22.14 -5.50 14.07
CA SER A 81 23.08 -6.09 13.12
C SER A 81 22.77 -5.73 11.67
N ARG A 82 21.50 -5.75 11.27
CA ARG A 82 21.10 -5.39 9.90
C ARG A 82 19.96 -4.39 10.03
N VAL A 83 20.33 -3.11 10.09
CA VAL A 83 19.35 -2.06 10.32
C VAL A 83 18.29 -2.11 9.22
N GLU A 84 17.03 -2.08 9.64
CA GLU A 84 15.90 -1.86 8.75
C GLU A 84 15.31 -0.48 9.03
N ALA A 85 14.55 0.03 8.06
CA ALA A 85 14.00 1.37 8.20
C ALA A 85 13.03 1.46 9.37
N GLU A 86 12.38 0.35 9.73
CA GLU A 86 11.43 0.35 10.83
C GLU A 86 12.12 0.50 12.19
N ASP A 87 13.45 0.41 12.21
CA ASP A 87 14.21 0.52 13.46
C ASP A 87 14.53 1.95 13.85
N LEU A 88 14.24 2.93 13.00
CA LEU A 88 14.55 4.30 13.39
C LEU A 88 13.70 4.70 14.59
N GLY A 89 14.21 5.67 15.33
CA GLY A 89 13.59 6.11 16.56
C GLY A 89 14.65 6.31 17.61
N VAL A 90 14.20 6.49 18.85
CA VAL A 90 15.06 6.80 19.98
C VAL A 90 15.18 5.57 20.87
N TYR A 91 16.42 5.19 21.19
CA TYR A 91 16.70 4.03 22.02
C TYR A 91 17.08 4.50 23.42
N TYR A 92 16.43 3.91 24.43
CA TYR A 92 16.66 4.28 25.82
C TYR A 92 17.16 3.06 26.59
N CYS A 93 18.24 3.24 27.34
CA CYS A 93 18.63 2.25 28.33
C CYS A 93 18.00 2.62 29.67
N PHE A 94 18.00 1.65 30.57
CA PHE A 94 17.23 1.76 31.79
C PHE A 94 17.77 0.75 32.79
N GLN A 95 17.90 1.17 34.05
CA GLN A 95 18.29 0.26 35.12
C GLN A 95 17.11 0.08 36.08
N GLY A 96 16.81 -1.18 36.37
CA GLY A 96 15.76 -1.51 37.32
C GLY A 96 16.31 -2.25 38.52
N SER A 97 17.62 -2.08 38.78
CA SER A 97 18.27 -2.77 39.88
C SER A 97 18.17 -1.99 41.18
N HIS A 98 18.35 -0.68 41.11
CA HIS A 98 18.29 0.20 42.26
C HIS A 98 17.19 1.24 42.07
N VAL A 99 16.42 1.47 43.13
CA VAL A 99 15.42 2.52 43.10
C VAL A 99 16.06 3.82 43.55
N PRO A 100 15.66 4.95 42.94
CA PRO A 100 14.64 5.01 41.89
C PRO A 100 15.15 4.47 40.56
N TRP A 101 14.29 3.73 39.87
CA TRP A 101 14.63 3.25 38.54
C TRP A 101 14.85 4.44 37.60
N THR A 102 15.86 4.32 36.74
CA THR A 102 16.28 5.45 35.94
C THR A 102 16.51 5.05 34.49
N PHE A 103 16.20 6.00 33.61
CA PHE A 103 16.40 5.89 32.17
C PHE A 103 17.65 6.62 31.72
N GLY A 104 18.18 6.17 30.58
CA GLY A 104 19.13 6.98 29.84
C GLY A 104 18.43 8.09 29.06
N GLY A 105 19.25 9.01 28.54
CA GLY A 105 18.73 10.17 27.85
C GLY A 105 18.26 9.93 26.42
N GLY A 106 18.63 8.79 25.84
CA GLY A 106 18.20 8.43 24.50
C GLY A 106 19.30 8.62 23.46
N THR A 107 19.28 7.76 22.44
CA THR A 107 20.14 7.87 21.27
C THR A 107 19.26 7.76 20.05
N LYS A 108 19.27 8.78 19.18
CA LYS A 108 18.42 8.74 18.01
C LYS A 108 19.10 7.98 16.88
N LEU A 109 18.39 7.00 16.32
CA LEU A 109 18.85 6.25 15.17
C LEU A 109 18.28 6.88 13.90
N GLU A 110 19.17 7.24 12.99
CA GLU A 110 18.83 7.89 11.74
C GLU A 110 19.27 6.99 10.60
N ILE A 111 18.41 6.83 9.60
CA ILE A 111 18.70 5.97 8.47
C ILE A 111 19.38 6.80 7.38
N LYS A 112 20.54 6.35 6.94
CA LYS A 112 21.20 6.96 5.80
C LYS A 112 20.58 6.41 4.51
N ARG A 113 20.20 7.31 3.61
CA ARG A 113 19.59 6.94 2.34
C ARG A 113 20.11 7.89 1.26
N ALA A 114 19.71 7.64 0.02
CA ALA A 114 20.10 8.53 -1.07
C ALA A 114 19.34 9.85 -0.96
N ASP A 115 20.02 10.95 -1.29
CA ASP A 115 19.37 12.25 -1.23
C ASP A 115 18.13 12.26 -2.12
N ALA A 116 17.11 12.97 -1.68
CA ALA A 116 15.86 13.07 -2.42
C ALA A 116 15.36 14.51 -2.34
N ALA A 117 14.91 15.03 -3.46
CA ALA A 117 14.41 16.38 -3.49
C ALA A 117 12.97 16.41 -2.97
N PRO A 118 12.54 17.55 -2.45
CA PRO A 118 11.18 17.66 -1.91
C PRO A 118 10.14 17.84 -3.01
N THR A 119 8.91 17.49 -2.66
CA THR A 119 7.73 17.80 -3.47
C THR A 119 7.07 19.03 -2.86
N VAL A 120 7.19 20.17 -3.54
CA VAL A 120 6.77 21.45 -2.98
C VAL A 120 5.32 21.74 -3.36
N SER A 121 4.58 22.31 -2.42
CA SER A 121 3.17 22.64 -2.62
C SER A 121 2.81 23.85 -1.78
N ILE A 122 2.25 24.88 -2.44
CA ILE A 122 1.84 26.12 -1.80
C ILE A 122 0.32 26.19 -1.77
N PHE A 123 -0.23 26.77 -0.70
CA PHE A 123 -1.66 26.86 -0.48
C PHE A 123 -2.03 28.28 -0.05
N PRO A 124 -2.97 28.95 -0.71
CA PRO A 124 -3.38 30.30 -0.27
C PRO A 124 -4.24 30.26 0.98
N PRO A 125 -4.48 31.43 1.58
CA PRO A 125 -5.40 31.49 2.73
C PRO A 125 -6.81 31.09 2.34
N SER A 126 -7.49 30.42 3.27
CA SER A 126 -8.86 30.03 3.08
C SER A 126 -9.78 31.22 3.34
N SER A 127 -10.93 31.21 2.68
CA SER A 127 -11.92 32.26 2.89
C SER A 127 -12.40 32.26 4.33
N GLU A 128 -12.42 31.08 4.96
CA GLU A 128 -12.79 31.00 6.37
C GLU A 128 -11.83 31.80 7.23
N GLN A 129 -10.52 31.71 6.95
CA GLN A 129 -9.54 32.46 7.74
C GLN A 129 -9.61 33.95 7.45
N LEU A 130 -9.80 34.33 6.19
CA LEU A 130 -9.85 35.74 5.83
C LEU A 130 -10.95 36.45 6.58
N THR A 131 -12.07 35.78 6.81
CA THR A 131 -13.14 36.36 7.61
C THR A 131 -12.66 36.70 9.01
N SER A 132 -11.76 35.89 9.57
CA SER A 132 -11.26 36.17 10.91
C SER A 132 -10.37 37.41 10.93
N GLY A 133 -9.86 37.84 9.79
CA GLY A 133 -8.98 38.97 9.70
C GLY A 133 -7.52 38.60 9.61
N GLY A 134 -7.21 37.30 9.56
CA GLY A 134 -5.86 36.82 9.41
C GLY A 134 -5.72 36.09 8.08
N ALA A 135 -4.48 35.77 7.74
CA ALA A 135 -4.22 35.11 6.46
C ALA A 135 -2.89 34.38 6.56
N SER A 136 -2.94 33.04 6.62
CA SER A 136 -1.76 32.21 6.63
C SER A 136 -1.55 31.56 5.27
N VAL A 137 -0.36 31.72 4.72
CA VAL A 137 0.06 31.05 3.49
C VAL A 137 0.97 29.90 3.88
N VAL A 138 0.74 28.72 3.30
CA VAL A 138 1.41 27.49 3.71
C VAL A 138 2.17 26.88 2.54
N CYS A 139 3.30 26.25 2.87
CA CYS A 139 4.16 25.61 1.89
C CYS A 139 4.61 24.27 2.47
N PHE A 140 4.19 23.17 1.84
CA PHE A 140 4.60 21.83 2.26
C PHE A 140 5.79 21.40 1.41
N LEU A 141 6.89 21.06 2.07
CA LEU A 141 8.06 20.47 1.45
C LEU A 141 8.10 19.02 1.93
N ASN A 142 7.72 18.08 1.05
CA ASN A 142 7.43 16.72 1.49
C ASN A 142 8.42 15.71 0.93
N ASN A 143 8.79 14.76 1.80
CA ASN A 143 9.50 13.52 1.43
C ASN A 143 10.83 13.81 0.71
N PHE A 144 11.74 14.42 1.48
CA PHE A 144 13.09 14.72 1.00
C PHE A 144 14.12 14.17 1.98
N TYR A 145 15.37 14.16 1.54
CA TYR A 145 16.51 13.73 2.35
C TYR A 145 17.78 14.35 1.79
N PRO A 146 18.68 14.83 2.65
CA PRO A 146 18.66 14.84 4.11
C PRO A 146 17.74 15.90 4.73
N LYS A 147 17.82 16.00 6.06
CA LYS A 147 16.84 16.78 6.82
C LYS A 147 16.95 18.27 6.54
N ASP A 148 18.17 18.78 6.41
CA ASP A 148 18.35 20.22 6.35
C ASP A 148 17.91 20.77 5.00
N ILE A 149 17.14 21.86 5.05
CA ILE A 149 16.58 22.47 3.85
C ILE A 149 16.30 23.92 4.16
N ASN A 150 16.31 24.75 3.13
CA ASN A 150 16.03 26.18 3.24
C ASN A 150 14.79 26.51 2.43
N VAL A 151 13.95 27.39 2.98
CA VAL A 151 12.77 27.88 2.30
C VAL A 151 12.78 29.39 2.39
N LYS A 152 12.53 30.06 1.26
CA LYS A 152 12.52 31.52 1.17
C LYS A 152 11.17 31.97 0.65
N TRP A 153 10.53 32.89 1.38
CA TRP A 153 9.25 33.43 0.98
C TRP A 153 9.45 34.74 0.23
N LYS A 154 8.59 35.00 -0.76
CA LYS A 154 8.65 36.22 -1.54
C LYS A 154 7.24 36.73 -1.81
N ILE A 155 7.01 38.01 -1.49
CA ILE A 155 5.76 38.69 -1.81
C ILE A 155 6.05 39.75 -2.85
N ASP A 156 5.40 39.63 -4.01
CA ASP A 156 5.64 40.53 -5.13
C ASP A 156 7.13 40.67 -5.40
N GLY A 157 7.83 39.54 -5.39
CA GLY A 157 9.23 39.48 -5.75
C GLY A 157 10.20 39.77 -4.63
N SER A 158 9.77 40.42 -3.55
CA SER A 158 10.70 40.84 -2.51
C SER A 158 10.71 39.83 -1.37
N GLU A 159 11.92 39.50 -0.92
CA GLU A 159 12.09 38.46 0.10
C GLU A 159 11.37 38.87 1.37
N ARG A 160 10.80 37.88 2.06
CA ARG A 160 10.00 38.13 3.25
C ARG A 160 10.39 37.11 4.31
N GLN A 161 10.80 37.60 5.46
CA GLN A 161 11.36 36.76 6.51
C GLN A 161 10.52 36.76 7.79
N ASN A 162 10.00 37.91 8.19
CA ASN A 162 9.18 38.00 9.39
C ASN A 162 7.82 37.37 9.16
N GLY A 163 7.28 36.73 10.20
CA GLY A 163 6.00 36.05 10.10
C GLY A 163 6.08 34.63 9.59
N VAL A 164 7.27 34.10 9.34
CA VAL A 164 7.46 32.74 8.86
C VAL A 164 7.66 31.79 10.05
N LEU A 165 7.09 30.60 9.92
CA LEU A 165 7.17 29.58 10.97
C LEU A 165 7.32 28.22 10.33
N ASN A 166 8.44 27.56 10.59
CA ASN A 166 8.83 26.32 9.93
C ASN A 166 8.80 25.16 10.92
N SER A 167 8.39 23.98 10.44
CA SER A 167 8.33 22.81 11.30
C SER A 167 8.62 21.55 10.49
N TRP A 168 9.53 20.73 11.02
CA TRP A 168 9.98 19.48 10.42
C TRP A 168 9.31 18.29 11.08
N THR A 169 9.05 17.25 10.28
CA THR A 169 8.63 15.97 10.84
C THR A 169 9.85 15.17 11.31
N ASP A 170 9.58 14.15 12.10
CA ASP A 170 10.57 13.10 12.31
C ASP A 170 10.76 12.30 11.01
N GLN A 171 11.76 11.44 11.00
CA GLN A 171 12.02 10.62 9.84
C GLN A 171 10.91 9.60 9.64
N ASP A 172 10.51 9.40 8.38
CA ASP A 172 9.41 8.51 8.06
C ASP A 172 9.90 7.07 8.01
N SER A 173 9.23 6.19 8.77
CA SER A 173 9.67 4.80 8.92
C SER A 173 9.48 4.00 7.64
N LYS A 174 8.80 4.53 6.63
CA LYS A 174 8.56 3.81 5.40
C LYS A 174 9.65 4.09 4.36
N ASP A 175 9.83 5.35 4.00
CA ASP A 175 10.76 5.75 2.96
C ASP A 175 11.98 6.49 3.51
N SER A 176 12.07 6.64 4.84
CA SER A 176 13.25 7.23 5.47
C SER A 176 13.43 8.70 5.09
N THR A 177 12.35 9.38 4.73
CA THR A 177 12.40 10.77 4.33
C THR A 177 11.96 11.71 5.46
N TYR A 178 12.15 13.00 5.21
CA TYR A 178 11.69 14.06 6.09
C TYR A 178 10.75 14.96 5.29
N SER A 179 9.84 15.63 6.00
CA SER A 179 8.97 16.63 5.43
C SER A 179 8.94 17.82 6.37
N MET A 180 8.60 18.99 5.83
CA MET A 180 8.48 20.17 6.66
C MET A 180 7.45 21.11 6.06
N SER A 181 6.82 21.89 6.93
CA SER A 181 5.84 22.88 6.54
C SER A 181 6.38 24.26 6.87
N SER A 182 6.17 25.20 5.95
CA SER A 182 6.52 26.60 6.16
C SER A 182 5.24 27.41 6.10
N THR A 183 4.97 28.16 7.16
CA THR A 183 3.75 28.93 7.28
C THR A 183 4.09 30.41 7.45
N LEU A 184 3.67 31.22 6.48
CA LEU A 184 3.78 32.67 6.55
C LEU A 184 2.43 33.26 6.93
N THR A 185 2.38 33.94 8.08
CA THR A 185 1.14 34.53 8.58
C THR A 185 1.16 36.04 8.41
N LEU A 186 0.07 36.57 7.88
CA LEU A 186 -0.12 37.99 7.62
C LEU A 186 -1.46 38.41 8.19
N THR A 187 -1.73 39.70 8.16
CA THR A 187 -3.10 40.13 8.36
C THR A 187 -3.86 39.99 7.05
N LYS A 188 -5.17 39.90 7.16
CA LYS A 188 -6.01 39.95 5.97
C LYS A 188 -5.71 41.21 5.15
N ASP A 189 -5.64 42.36 5.83
CA ASP A 189 -5.36 43.62 5.14
C ASP A 189 -4.03 43.55 4.40
N GLU A 190 -2.98 43.11 5.10
CA GLU A 190 -1.66 43.04 4.46
C GLU A 190 -1.67 42.07 3.30
N TYR A 191 -2.31 40.91 3.48
CA TYR A 191 -2.36 39.90 2.43
C TYR A 191 -2.95 40.50 1.15
N GLU A 192 -4.03 41.27 1.28
CA GLU A 192 -4.74 41.82 0.14
C GLU A 192 -4.09 43.06 -0.45
N ARG A 193 -2.97 43.53 0.09
CA ARG A 193 -2.21 44.61 -0.52
C ARG A 193 -1.19 44.10 -1.52
N HIS A 194 -1.08 42.79 -1.70
CA HIS A 194 -0.10 42.19 -2.59
C HIS A 194 -0.76 41.03 -3.34
N ASN A 195 -0.11 40.59 -4.40
CA ASN A 195 -0.68 39.61 -5.32
C ASN A 195 0.16 38.36 -5.46
N SER A 196 1.44 38.49 -5.75
CA SER A 196 2.29 37.35 -6.03
C SER A 196 2.92 36.83 -4.73
N TYR A 197 2.61 35.59 -4.38
CA TYR A 197 3.17 34.93 -3.20
C TYR A 197 3.96 33.71 -3.66
N THR A 198 5.18 33.57 -3.15
CA THR A 198 6.13 32.56 -3.61
C THR A 198 6.88 31.97 -2.42
N CYS A 199 6.93 30.64 -2.36
CA CYS A 199 7.88 29.93 -1.50
C CYS A 199 8.80 29.14 -2.40
N GLU A 200 10.10 29.19 -2.12
CA GLU A 200 11.07 28.47 -2.93
C GLU A 200 12.05 27.74 -2.02
N ALA A 201 12.17 26.44 -2.26
CA ALA A 201 12.94 25.54 -1.41
C ALA A 201 14.30 25.31 -2.04
N THR A 202 15.34 25.44 -1.23
CA THR A 202 16.71 25.18 -1.66
C THR A 202 17.22 23.98 -0.88
N HIS A 203 17.58 22.94 -1.61
CA HIS A 203 18.04 21.68 -1.05
C HIS A 203 19.34 21.30 -1.74
N LYS A 204 20.15 20.50 -1.07
CA LYS A 204 21.46 20.17 -1.63
C LYS A 204 21.36 19.33 -2.91
N THR A 205 20.18 18.80 -3.23
CA THR A 205 20.00 18.03 -4.46
C THR A 205 20.04 18.90 -5.71
N SER A 206 19.95 20.22 -5.57
CA SER A 206 19.98 21.09 -6.72
C SER A 206 20.38 22.49 -6.30
N THR A 207 21.18 23.13 -7.14
CA THR A 207 21.49 24.55 -7.01
C THR A 207 20.33 25.40 -7.48
N SER A 208 19.38 24.81 -8.21
CA SER A 208 18.20 25.52 -8.68
C SER A 208 17.10 25.37 -7.64
N PRO A 209 16.66 26.44 -6.98
CA PRO A 209 15.57 26.31 -6.01
C PRO A 209 14.29 25.81 -6.69
N ILE A 210 13.53 25.05 -5.93
CA ILE A 210 12.19 24.61 -6.35
C ILE A 210 11.22 25.71 -5.95
N VAL A 211 10.48 26.24 -6.93
CA VAL A 211 9.63 27.40 -6.71
C VAL A 211 8.18 27.05 -6.97
N LYS A 212 7.30 27.56 -6.09
CA LYS A 212 5.85 27.39 -6.21
C LYS A 212 5.17 28.73 -5.91
N SER A 213 4.21 29.12 -6.74
CA SER A 213 3.63 30.45 -6.65
C SER A 213 2.11 30.43 -6.82
N PHE A 214 1.49 31.53 -6.44
CA PHE A 214 0.08 31.80 -6.73
C PHE A 214 -0.18 33.29 -6.69
N ASN A 215 -1.33 33.69 -7.27
CA ASN A 215 -1.69 35.10 -7.41
C ASN A 215 -3.06 35.42 -6.81
N ARG A 216 -3.17 36.63 -6.25
CA ARG A 216 -4.39 37.19 -5.65
C ARG A 216 -4.54 36.72 -4.21
N VAL B 2 -3.46 -7.63 24.73
CA VAL B 2 -3.14 -6.71 25.82
C VAL B 2 -3.34 -5.27 25.37
N LYS B 3 -4.29 -4.57 25.98
CA LYS B 3 -4.54 -3.17 25.64
C LYS B 3 -4.66 -2.35 26.92
N LEU B 4 -4.03 -1.18 26.91
CA LEU B 4 -4.05 -0.22 28.01
C LEU B 4 -4.42 1.14 27.46
N VAL B 5 -5.47 1.75 28.02
CA VAL B 5 -6.00 3.02 27.54
C VAL B 5 -5.99 4.03 28.68
N GLU B 6 -5.30 5.14 28.49
CA GLU B 6 -5.23 6.19 29.51
C GLU B 6 -6.25 7.28 29.25
N SER B 7 -6.67 7.92 30.34
CA SER B 7 -7.67 8.96 30.30
C SER B 7 -7.37 9.98 31.38
N GLY B 8 -8.04 11.12 31.31
CA GLY B 8 -8.00 12.10 32.37
C GLY B 8 -6.99 13.22 32.19
N GLY B 9 -6.19 13.19 31.13
CA GLY B 9 -5.21 14.23 30.92
C GLY B 9 -5.86 15.55 30.53
N GLY B 10 -5.13 16.63 30.75
CA GLY B 10 -5.62 17.94 30.38
C GLY B 10 -4.81 19.03 31.04
N LEU B 11 -5.39 20.23 31.05
CA LEU B 11 -4.74 21.42 31.59
C LEU B 11 -5.12 21.59 33.05
N VAL B 12 -4.13 21.95 33.88
CA VAL B 12 -4.34 22.15 35.31
C VAL B 12 -3.54 23.36 35.76
N ALA B 13 -4.13 24.16 36.65
CA ALA B 13 -3.40 25.26 37.24
C ALA B 13 -2.34 24.75 38.22
N PRO B 14 -1.21 25.44 38.33
CA PRO B 14 -0.19 25.00 39.31
C PRO B 14 -0.75 24.92 40.72
N GLY B 15 -0.25 23.95 41.48
CA GLY B 15 -0.77 23.67 42.80
C GLY B 15 -2.05 22.88 42.81
N GLY B 16 -2.63 22.63 41.63
CA GLY B 16 -3.89 21.93 41.53
C GLY B 16 -3.72 20.43 41.58
N SER B 17 -4.83 19.73 41.35
CA SER B 17 -4.88 18.29 41.46
C SER B 17 -5.53 17.71 40.21
N LEU B 18 -5.18 16.45 39.92
CA LEU B 18 -5.75 15.75 38.77
C LEU B 18 -5.48 14.26 38.94
N LYS B 19 -6.47 13.44 38.61
CA LYS B 19 -6.37 11.98 38.69
C LYS B 19 -6.50 11.38 37.30
N LEU B 20 -5.58 10.46 36.98
CA LEU B 20 -5.61 9.72 35.72
C LEU B 20 -6.19 8.32 35.92
N SER B 21 -6.76 7.77 34.85
CA SER B 21 -7.26 6.41 34.83
C SER B 21 -6.60 5.63 33.69
N CYS B 22 -6.59 4.30 33.81
CA CYS B 22 -6.11 3.43 32.75
C CYS B 22 -6.99 2.20 32.66
N ALA B 23 -7.56 1.97 31.48
CA ALA B 23 -8.43 0.82 31.24
C ALA B 23 -7.59 -0.34 30.72
N ALA B 24 -7.54 -1.42 31.49
CA ALA B 24 -6.76 -2.60 31.16
C ALA B 24 -7.66 -3.69 30.59
N SER B 25 -7.16 -4.40 29.58
CA SER B 25 -7.91 -5.47 28.94
C SER B 25 -6.93 -6.42 28.27
N GLY B 26 -7.40 -7.63 28.01
CA GLY B 26 -6.60 -8.64 27.34
C GLY B 26 -5.81 -9.56 28.25
N PHE B 27 -5.93 -9.40 29.56
CA PHE B 27 -5.17 -10.21 30.51
C PHE B 27 -5.83 -10.13 31.88
N THR B 28 -5.33 -10.93 32.80
CA THR B 28 -5.81 -10.95 34.19
C THR B 28 -5.13 -9.79 34.91
N PHE B 29 -5.90 -8.71 35.11
CA PHE B 29 -5.37 -7.49 35.68
C PHE B 29 -4.77 -7.71 37.06
N SER B 30 -5.40 -8.57 37.87
CA SER B 30 -4.98 -8.78 39.25
C SER B 30 -3.71 -9.60 39.38
N SER B 31 -3.19 -10.16 38.28
CA SER B 31 -1.99 -10.98 38.35
C SER B 31 -0.71 -10.18 38.16
N TYR B 32 -0.79 -8.96 37.65
CA TYR B 32 0.41 -8.26 37.22
C TYR B 32 0.63 -6.99 38.02
N PRO B 33 1.89 -6.62 38.29
CA PRO B 33 2.18 -5.29 38.82
C PRO B 33 2.12 -4.24 37.72
N MET B 34 1.84 -3.00 38.12
CA MET B 34 1.64 -1.90 37.19
C MET B 34 2.53 -0.72 37.57
N SER B 35 2.90 0.07 36.56
CA SER B 35 3.72 1.26 36.74
C SER B 35 3.17 2.41 35.91
N TRP B 36 3.53 3.62 36.31
CA TRP B 36 3.35 4.82 35.50
C TRP B 36 4.73 5.39 35.14
N VAL B 37 4.88 5.79 33.89
CA VAL B 37 6.08 6.46 33.41
C VAL B 37 5.64 7.69 32.62
N ARG B 38 6.33 8.81 32.82
CA ARG B 38 6.01 10.02 32.09
C ARG B 38 7.15 10.40 31.14
N GLN B 39 6.78 11.10 30.07
CA GLN B 39 7.73 11.66 29.13
C GLN B 39 7.56 13.17 29.08
N THR B 40 8.61 13.89 29.45
CA THR B 40 8.56 15.34 29.49
C THR B 40 8.55 15.88 28.06
N PRO B 41 8.29 17.18 27.90
CA PRO B 41 8.37 17.77 26.55
C PRO B 41 9.77 17.69 25.98
N GLU B 42 10.78 17.55 26.84
CA GLU B 42 12.15 17.33 26.43
C GLU B 42 12.38 15.89 25.96
N LYS B 43 11.33 15.06 26.00
CA LYS B 43 11.37 13.66 25.60
C LYS B 43 12.21 12.81 26.55
N ARG B 44 12.42 13.31 27.77
CA ARG B 44 13.04 12.54 28.84
C ARG B 44 12.01 11.64 29.51
N LEU B 45 12.39 10.39 29.74
CA LEU B 45 11.54 9.40 30.41
C LEU B 45 11.84 9.35 31.90
N GLU B 46 10.80 9.40 32.72
CA GLU B 46 10.93 9.34 34.17
C GLU B 46 9.90 8.37 34.72
N TRP B 47 10.36 7.33 35.41
CA TRP B 47 9.45 6.49 36.16
C TRP B 47 8.90 7.28 37.35
N VAL B 48 7.58 7.21 37.55
CA VAL B 48 6.95 7.99 38.61
C VAL B 48 6.15 7.16 39.60
N ALA B 49 5.81 5.90 39.33
CA ALA B 49 5.02 5.17 40.33
C ALA B 49 5.02 3.68 40.03
N TYR B 50 4.97 2.88 41.10
CA TYR B 50 4.87 1.43 41.03
C TYR B 50 3.83 0.95 42.02
N ILE B 51 3.18 -0.16 41.70
CA ILE B 51 2.26 -0.84 42.60
C ILE B 51 2.21 -2.31 42.21
N ASN B 52 2.17 -3.20 43.20
CA ASN B 52 2.21 -4.62 42.89
C ASN B 52 0.81 -5.09 42.51
N ASN B 53 0.73 -6.37 42.11
CA ASN B 53 -0.51 -6.90 41.55
C ASN B 53 -1.67 -6.83 42.53
N GLY B 54 -1.40 -6.80 43.83
CA GLY B 54 -2.44 -6.77 44.83
C GLY B 54 -2.88 -5.39 45.24
N GLY B 55 -2.28 -4.35 44.70
CA GLY B 55 -2.52 -3.00 45.16
C GLY B 55 -1.61 -2.55 46.29
N GLY B 56 -0.53 -3.28 46.54
CA GLY B 56 0.39 -2.94 47.60
C GLY B 56 1.73 -2.44 47.10
N ASN B 57 2.61 -2.17 48.07
CA ASN B 57 3.94 -1.61 47.84
C ASN B 57 3.91 -0.49 46.80
N PRO B 58 3.09 0.54 47.01
CA PRO B 58 3.15 1.73 46.14
C PRO B 58 4.46 2.48 46.36
N TYR B 59 5.22 2.63 45.29
CA TYR B 59 6.58 3.14 45.38
C TYR B 59 6.78 4.27 44.39
N TYR B 60 7.50 5.30 44.81
CA TYR B 60 7.67 6.49 44.00
C TYR B 60 9.09 7.05 44.14
N PRO B 61 9.58 7.77 43.13
CA PRO B 61 10.79 8.58 43.32
C PRO B 61 10.48 9.80 44.17
N ASP B 62 11.53 10.35 44.77
CA ASP B 62 11.33 11.49 45.66
C ASP B 62 10.83 12.72 44.92
N THR B 63 10.96 12.75 43.59
CA THR B 63 10.52 13.92 42.81
C THR B 63 9.01 14.10 42.90
N VAL B 64 8.28 13.01 43.09
CA VAL B 64 6.82 13.05 43.14
C VAL B 64 6.29 12.47 44.44
N LYS B 65 7.15 11.91 45.29
CA LYS B 65 6.71 11.30 46.54
C LYS B 65 6.03 12.33 47.43
N GLY B 66 4.88 11.96 47.98
CA GLY B 66 4.09 12.83 48.82
C GLY B 66 3.00 13.57 48.09
N ARG B 67 3.09 13.66 46.76
CA ARG B 67 2.12 14.38 45.95
C ARG B 67 1.30 13.47 45.06
N PHE B 68 1.90 12.39 44.56
CA PHE B 68 1.21 11.43 43.69
C PHE B 68 0.79 10.21 44.50
N THR B 69 -0.32 9.61 44.09
CA THR B 69 -0.86 8.43 44.77
C THR B 69 -1.33 7.43 43.72
N ILE B 70 -0.64 6.29 43.61
CA ILE B 70 -1.03 5.21 42.70
C ILE B 70 -1.99 4.28 43.40
N SER B 71 -2.94 3.72 42.65
CA SER B 71 -3.95 2.82 43.19
C SER B 71 -4.56 2.04 42.04
N ARG B 72 -5.37 1.03 42.38
CA ARG B 72 -5.99 0.17 41.37
C ARG B 72 -7.28 -0.41 41.92
N ASP B 73 -8.24 -0.62 41.02
CA ASP B 73 -9.49 -1.31 41.32
C ASP B 73 -9.48 -2.59 40.48
N ASN B 74 -9.01 -3.69 41.09
CA ASN B 74 -8.93 -4.95 40.35
C ASN B 74 -10.29 -5.49 39.96
N ALA B 75 -11.36 -5.00 40.59
CA ALA B 75 -12.71 -5.34 40.14
C ALA B 75 -13.01 -4.70 38.79
N LYS B 76 -12.65 -3.44 38.60
CA LYS B 76 -12.97 -2.73 37.37
C LYS B 76 -11.82 -2.68 36.37
N ASN B 77 -10.75 -3.44 36.60
CA ASN B 77 -9.60 -3.47 35.69
C ASN B 77 -9.07 -2.06 35.39
N THR B 78 -8.87 -1.28 36.45
CA THR B 78 -8.50 0.13 36.27
C THR B 78 -7.33 0.48 37.19
N LEU B 79 -6.37 1.21 36.63
CA LEU B 79 -5.23 1.75 37.36
C LEU B 79 -5.36 3.27 37.42
N TYR B 80 -5.07 3.84 38.58
CA TYR B 80 -5.27 5.26 38.83
C TYR B 80 -3.95 5.93 39.24
N LEU B 81 -3.85 7.23 38.95
CA LEU B 81 -2.73 8.07 39.41
C LEU B 81 -3.29 9.40 39.90
N GLN B 82 -3.39 9.55 41.22
CA GLN B 82 -3.85 10.81 41.83
C GLN B 82 -2.67 11.75 42.02
N MET B 83 -2.77 12.95 41.45
CA MET B 83 -1.74 13.97 41.52
C MET B 83 -2.29 15.17 42.28
N SER B 84 -1.39 15.89 42.94
CA SER B 84 -1.79 17.08 43.69
C SER B 84 -0.57 17.98 43.83
N SER B 85 -0.82 19.24 44.18
CA SER B 85 0.25 20.23 44.32
C SER B 85 1.09 20.29 43.05
N LEU B 86 0.41 20.28 41.90
CA LEU B 86 1.07 20.09 40.62
C LEU B 86 2.03 21.23 40.29
N LYS B 87 3.23 20.85 39.83
CA LYS B 87 4.26 21.78 39.38
C LYS B 87 4.30 21.83 37.86
N SER B 88 5.01 22.82 37.34
CA SER B 88 5.28 22.87 35.91
C SER B 88 6.16 21.71 35.47
N GLU B 89 6.99 21.18 36.37
CA GLU B 89 7.86 20.07 36.02
C GLU B 89 7.08 18.80 35.75
N ASP B 90 5.80 18.75 36.15
CA ASP B 90 4.99 17.57 35.99
C ASP B 90 4.35 17.50 34.60
N THR B 91 4.47 18.56 33.81
CA THR B 91 3.93 18.55 32.46
C THR B 91 4.61 17.47 31.64
N ALA B 92 3.83 16.48 31.19
CA ALA B 92 4.39 15.34 30.50
C ALA B 92 3.26 14.48 29.94
N ILE B 93 3.62 13.57 29.05
CA ILE B 93 2.76 12.46 28.65
C ILE B 93 2.93 11.34 29.67
N TYR B 94 1.82 10.83 30.20
CA TYR B 94 1.85 9.77 31.20
C TYR B 94 1.43 8.45 30.58
N TYR B 95 2.29 7.44 30.71
CA TYR B 95 2.05 6.12 30.15
C TYR B 95 1.70 5.13 31.25
N CYS B 96 0.65 4.36 31.01
CA CYS B 96 0.24 3.24 31.84
C CYS B 96 0.93 1.97 31.36
N ILE B 97 1.49 1.18 32.28
CA ILE B 97 2.37 0.07 31.92
C ILE B 97 1.99 -1.19 32.68
N ARG B 98 1.94 -2.32 31.96
CA ARG B 98 1.90 -3.64 32.58
C ARG B 98 3.34 -4.11 32.73
N GLN B 99 3.78 -4.24 33.97
CA GLN B 99 5.15 -4.61 34.27
C GLN B 99 5.22 -6.10 34.61
N TYR B 100 6.24 -6.76 34.08
CA TYR B 100 6.55 -8.12 34.49
C TYR B 100 8.04 -8.35 34.34
N TYR B 101 8.50 -8.64 33.13
CA TYR B 101 9.94 -8.68 32.88
C TYR B 101 10.52 -7.28 33.02
N GLY B 102 9.98 -6.34 32.26
CA GLY B 102 10.20 -4.94 32.49
C GLY B 102 8.92 -4.17 32.32
N PHE B 103 9.00 -3.02 31.66
CA PHE B 103 7.82 -2.29 31.19
C PHE B 103 7.38 -2.95 29.88
N ASP B 104 6.59 -4.02 30.01
CA ASP B 104 6.37 -4.90 28.86
C ASP B 104 5.37 -4.32 27.88
N TYR B 105 4.31 -3.67 28.38
CA TYR B 105 3.27 -3.11 27.52
C TYR B 105 2.94 -1.71 27.98
N TRP B 106 2.90 -0.78 27.03
CA TRP B 106 2.61 0.62 27.28
C TRP B 106 1.29 1.03 26.64
N GLY B 107 0.54 1.86 27.34
CA GLY B 107 -0.59 2.54 26.74
C GLY B 107 -0.11 3.62 25.80
N GLN B 108 -1.07 4.24 25.12
CA GLN B 108 -0.73 5.28 24.17
C GLN B 108 -0.50 6.63 24.82
N GLY B 109 -0.85 6.77 26.09
CA GLY B 109 -0.54 7.96 26.85
C GLY B 109 -1.72 8.92 26.93
N THR B 110 -1.69 9.74 27.97
CA THR B 110 -2.59 10.87 28.13
C THR B 110 -1.74 12.02 28.65
N THR B 111 -1.97 13.23 28.14
CA THR B 111 -1.08 14.34 28.38
C THR B 111 -1.57 15.21 29.53
N LEU B 112 -0.66 15.53 30.45
CA LEU B 112 -0.88 16.52 31.49
C LEU B 112 -0.14 17.81 31.12
N THR B 113 -0.81 18.94 31.34
CA THR B 113 -0.19 20.26 31.18
C THR B 113 -0.51 21.09 32.43
N VAL B 114 0.52 21.53 33.13
CA VAL B 114 0.36 22.37 34.32
C VAL B 114 0.70 23.80 33.90
N SER B 115 -0.33 24.64 33.75
CA SER B 115 -0.11 25.99 33.25
C SER B 115 -1.26 26.88 33.64
N SER B 116 -0.94 28.17 33.85
CA SER B 116 -1.95 29.17 34.17
C SER B 116 -2.69 29.67 32.94
N ALA B 117 -2.16 29.44 31.74
CA ALA B 117 -2.86 29.87 30.54
C ALA B 117 -4.24 29.24 30.50
N LYS B 118 -5.06 29.75 29.58
CA LYS B 118 -6.45 29.33 29.45
C LYS B 118 -6.56 28.33 28.31
N THR B 119 -7.48 27.38 28.47
CA THR B 119 -7.75 26.44 27.40
C THR B 119 -8.28 27.18 26.18
N THR B 120 -7.62 26.99 25.04
CA THR B 120 -8.00 27.63 23.79
C THR B 120 -8.18 26.55 22.72
N PRO B 121 -9.35 26.41 22.12
CA PRO B 121 -9.51 25.42 21.05
C PRO B 121 -8.94 25.92 19.74
N PRO B 122 -8.78 25.05 18.76
CA PRO B 122 -8.20 25.45 17.48
C PRO B 122 -9.21 25.90 16.43
N SER B 123 -8.73 26.79 15.57
CA SER B 123 -9.43 27.15 14.33
C SER B 123 -8.89 26.28 13.20
N VAL B 124 -9.78 25.61 12.48
CA VAL B 124 -9.40 24.63 11.47
C VAL B 124 -9.71 25.19 10.09
N TYR B 125 -8.70 25.21 9.22
CA TYR B 125 -8.81 25.81 7.91
C TYR B 125 -8.40 24.83 6.83
N PRO B 126 -9.14 24.75 5.73
CA PRO B 126 -8.73 23.88 4.62
C PRO B 126 -7.62 24.50 3.79
N LEU B 127 -6.80 23.65 3.19
CA LEU B 127 -5.71 24.05 2.31
C LEU B 127 -5.92 23.31 0.99
N ALA B 128 -6.39 24.04 -0.02
CA ALA B 128 -6.60 23.47 -1.34
C ALA B 128 -5.77 24.21 -2.37
N PRO B 129 -5.44 23.57 -3.50
CA PRO B 129 -4.64 24.22 -4.54
C PRO B 129 -5.32 25.48 -5.08
N MET B 138 -1.28 12.99 -9.11
CA MET B 138 -1.32 13.13 -7.65
C MET B 138 -1.43 14.59 -7.22
N VAL B 139 -2.31 14.85 -6.26
CA VAL B 139 -2.56 16.19 -5.75
C VAL B 139 -2.36 16.16 -4.25
N THR B 140 -1.78 17.23 -3.69
CA THR B 140 -1.55 17.34 -2.26
C THR B 140 -2.49 18.37 -1.63
N LEU B 141 -3.17 17.97 -0.56
CA LEU B 141 -4.11 18.77 0.19
C LEU B 141 -3.64 18.85 1.64
N GLY B 142 -4.26 19.73 2.42
CA GLY B 142 -3.80 19.92 3.78
C GLY B 142 -4.83 20.51 4.72
N CYS B 143 -4.46 20.49 6.00
CA CYS B 143 -5.26 21.06 7.09
C CYS B 143 -4.39 21.97 7.93
N LEU B 144 -4.88 23.17 8.20
CA LEU B 144 -4.20 24.12 9.07
C LEU B 144 -4.95 24.22 10.40
N VAL B 145 -4.26 23.88 11.49
CA VAL B 145 -4.84 23.80 12.82
C VAL B 145 -4.14 24.86 13.67
N LYS B 146 -4.81 25.99 13.90
CA LYS B 146 -4.17 27.22 14.36
C LYS B 146 -4.67 27.66 15.73
N GLY B 147 -3.73 27.98 16.61
CA GLY B 147 -3.98 28.77 17.81
C GLY B 147 -4.65 28.07 18.98
N TYR B 148 -4.18 26.89 19.36
CA TYR B 148 -4.79 26.13 20.44
C TYR B 148 -3.83 25.98 21.62
N PHE B 149 -4.41 25.63 22.75
CA PHE B 149 -3.65 25.37 23.96
C PHE B 149 -4.56 24.66 24.97
N PRO B 150 -4.04 23.67 25.70
CA PRO B 150 -2.67 23.16 25.57
C PRO B 150 -2.60 22.16 24.44
N GLU B 151 -1.45 21.53 24.35
CA GLU B 151 -1.31 20.37 23.52
C GLU B 151 -1.97 19.18 24.20
N PRO B 152 -2.29 18.12 23.45
CA PRO B 152 -2.15 17.92 22.00
C PRO B 152 -3.48 18.02 21.23
N VAL B 153 -3.40 17.92 19.91
CA VAL B 153 -4.56 17.64 19.07
C VAL B 153 -4.30 16.35 18.29
N THR B 154 -5.36 15.81 17.69
CA THR B 154 -5.24 14.67 16.78
C THR B 154 -5.94 14.98 15.47
N VAL B 155 -5.25 14.73 14.35
CA VAL B 155 -5.79 14.95 13.01
C VAL B 155 -5.87 13.60 12.30
N THR B 156 -6.99 13.35 11.62
CA THR B 156 -7.14 12.20 10.75
C THR B 156 -7.81 12.65 9.46
N TRP B 157 -7.76 11.80 8.44
CA TRP B 157 -8.32 12.10 7.13
C TRP B 157 -9.35 11.04 6.77
N ASN B 158 -10.60 11.47 6.58
CA ASN B 158 -11.73 10.56 6.32
C ASN B 158 -11.85 9.51 7.44
N SER B 159 -11.80 10.00 8.69
CA SER B 159 -12.02 9.19 9.88
C SER B 159 -11.06 7.99 10.00
N GLY B 160 -9.93 8.05 9.31
CA GLY B 160 -8.94 6.99 9.39
C GLY B 160 -8.79 6.19 8.12
N SER B 161 -9.73 6.30 7.20
CA SER B 161 -9.63 5.61 5.92
C SER B 161 -8.33 5.99 5.22
N LEU B 162 -8.10 7.29 5.06
CA LEU B 162 -6.85 7.78 4.48
C LEU B 162 -5.77 7.66 5.53
N SER B 163 -4.96 6.62 5.42
CA SER B 163 -3.88 6.35 6.34
C SER B 163 -2.52 6.57 5.72
N SER B 164 -2.39 6.25 4.44
CA SER B 164 -1.15 6.48 3.70
C SER B 164 -1.18 7.85 3.06
N GLY B 165 0.02 8.33 2.69
CA GLY B 165 0.15 9.64 2.08
C GLY B 165 0.02 10.80 3.04
N VAL B 166 -0.09 10.54 4.34
CA VAL B 166 -0.32 11.56 5.35
C VAL B 166 0.95 11.75 6.16
N HIS B 167 1.25 13.01 6.49
CA HIS B 167 2.11 13.32 7.62
C HIS B 167 1.68 14.64 8.23
N THR B 168 1.61 14.65 9.56
CA THR B 168 1.19 15.80 10.35
C THR B 168 2.40 16.43 11.01
N PHE B 169 2.53 17.71 10.89
CA PHE B 169 3.73 18.39 11.33
C PHE B 169 3.62 18.77 12.81
N PRO B 170 4.73 18.71 13.56
CA PRO B 170 4.69 19.07 14.98
C PRO B 170 4.15 20.48 15.20
N ALA B 171 3.43 20.65 16.30
CA ALA B 171 2.94 21.97 16.68
C ALA B 171 4.08 22.82 17.21
N VAL B 172 3.98 24.12 16.93
CA VAL B 172 4.96 25.08 17.42
C VAL B 172 4.25 26.11 18.28
N LEU B 173 4.90 26.46 19.39
CA LEU B 173 4.35 27.41 20.34
C LEU B 173 4.74 28.81 19.90
N GLN B 174 3.74 29.63 19.61
CA GLN B 174 3.92 31.03 19.32
C GLN B 174 2.88 31.82 20.10
N SER B 175 3.34 32.81 20.85
CA SER B 175 2.43 33.68 21.58
C SER B 175 1.48 32.84 22.42
N ASP B 176 2.03 31.81 23.05
CA ASP B 176 1.30 31.00 24.01
C ASP B 176 0.16 30.22 23.37
N LEU B 177 0.26 29.98 22.06
CA LEU B 177 -0.70 29.18 21.33
C LEU B 177 0.04 28.31 20.33
N TYR B 178 -0.49 27.11 20.11
CA TYR B 178 0.14 26.14 19.22
C TYR B 178 -0.52 26.20 17.85
N THR B 179 0.28 25.94 16.83
CA THR B 179 -0.21 25.81 15.47
C THR B 179 0.50 24.65 14.81
N LEU B 180 -0.27 23.84 14.08
CA LEU B 180 0.31 22.82 13.23
C LEU B 180 -0.50 22.70 11.95
N SER B 181 0.03 21.91 11.03
CA SER B 181 -0.63 21.61 9.78
C SER B 181 -0.53 20.13 9.51
N SER B 182 -1.45 19.63 8.68
CA SER B 182 -1.44 18.24 8.26
C SER B 182 -1.54 18.20 6.74
N SER B 183 -0.71 17.36 6.13
CA SER B 183 -0.65 17.19 4.69
C SER B 183 -1.21 15.83 4.31
N VAL B 184 -1.92 15.77 3.18
CA VAL B 184 -2.35 14.51 2.59
C VAL B 184 -2.19 14.60 1.07
N THR B 185 -1.72 13.53 0.47
CA THR B 185 -1.51 13.46 -0.97
C THR B 185 -2.32 12.29 -1.52
N VAL B 186 -3.12 12.55 -2.54
CA VAL B 186 -4.03 11.55 -3.10
C VAL B 186 -3.98 11.59 -4.62
N PRO B 187 -4.53 10.59 -5.30
CA PRO B 187 -4.61 10.64 -6.77
C PRO B 187 -5.51 11.77 -7.25
N SER B 188 -5.10 12.41 -8.35
CA SER B 188 -5.95 13.39 -9.01
C SER B 188 -7.30 12.78 -9.37
N SER B 189 -7.33 11.47 -9.64
CA SER B 189 -8.60 10.76 -9.84
C SER B 189 -9.50 10.92 -8.63
N THR B 190 -8.94 10.74 -7.43
CA THR B 190 -9.74 10.70 -6.21
C THR B 190 -10.38 12.04 -5.88
N TRP B 191 -9.71 13.15 -6.17
CA TRP B 191 -10.15 14.45 -5.68
C TRP B 191 -10.25 15.47 -6.81
N PRO B 192 -11.36 16.24 -6.84
CA PRO B 192 -12.49 16.29 -5.91
C PRO B 192 -13.55 15.18 -6.08
N SER B 193 -13.29 14.19 -6.94
CA SER B 193 -14.32 13.20 -7.25
C SER B 193 -14.90 12.53 -6.01
N GLU B 194 -14.15 12.47 -4.92
CA GLU B 194 -14.62 11.87 -3.68
C GLU B 194 -14.26 12.79 -2.53
N THR B 195 -15.06 12.73 -1.46
CA THR B 195 -14.91 13.71 -0.39
C THR B 195 -13.65 13.43 0.41
N VAL B 196 -12.86 14.48 0.65
CA VAL B 196 -11.67 14.41 1.48
C VAL B 196 -11.90 15.36 2.65
N THR B 197 -11.90 14.81 3.86
CA THR B 197 -12.24 15.59 5.04
C THR B 197 -11.13 15.46 6.07
N CYS B 198 -10.76 16.60 6.64
CA CYS B 198 -9.85 16.67 7.76
C CYS B 198 -10.63 16.66 9.06
N ASN B 199 -10.36 15.69 9.92
CA ASN B 199 -11.04 15.57 11.21
C ASN B 199 -10.03 15.91 12.31
N VAL B 200 -10.34 16.95 13.09
CA VAL B 200 -9.44 17.46 14.12
C VAL B 200 -10.13 17.36 15.47
N ALA B 201 -9.39 16.89 16.48
CA ALA B 201 -9.91 16.73 17.84
C ALA B 201 -8.96 17.39 18.83
N HIS B 202 -9.53 18.19 19.73
CA HIS B 202 -8.77 18.82 20.82
C HIS B 202 -9.36 18.32 22.13
N PRO B 203 -8.71 17.38 22.80
CA PRO B 203 -9.34 16.80 24.01
C PRO B 203 -9.38 17.77 25.17
N ALA B 204 -8.35 18.59 25.33
CA ALA B 204 -8.30 19.49 26.48
C ALA B 204 -9.45 20.48 26.44
N SER B 205 -9.97 20.80 25.25
CA SER B 205 -11.15 21.64 25.12
C SER B 205 -12.39 20.85 24.73
N SER B 206 -12.26 19.53 24.55
CA SER B 206 -13.39 18.66 24.23
C SER B 206 -14.06 19.08 22.92
N THR B 207 -13.24 19.35 21.91
CA THR B 207 -13.71 19.83 20.61
C THR B 207 -13.45 18.78 19.53
N LYS B 208 -14.36 18.72 18.56
CA LYS B 208 -14.17 17.93 17.35
C LYS B 208 -14.69 18.73 16.16
N VAL B 209 -13.91 18.76 15.09
CA VAL B 209 -14.23 19.53 13.88
C VAL B 209 -13.95 18.66 12.67
N ASP B 210 -14.77 18.82 11.64
CA ASP B 210 -14.62 18.11 10.36
C ASP B 210 -14.67 19.15 9.23
N LYS B 211 -13.52 19.42 8.62
CA LYS B 211 -13.42 20.38 7.52
C LYS B 211 -13.23 19.61 6.22
N LYS B 212 -14.22 19.71 5.33
CA LYS B 212 -14.10 19.12 4.00
C LYS B 212 -13.20 20.00 3.14
N ILE B 213 -12.34 19.37 2.35
CA ILE B 213 -11.39 20.11 1.52
C ILE B 213 -12.06 20.31 0.16
N VAL B 214 -12.42 21.56 -0.13
CA VAL B 214 -13.16 21.91 -1.35
C VAL B 214 -12.34 22.86 -2.22
N PRO B 215 -12.44 22.79 -3.56
CA PRO B 215 -11.78 23.76 -4.43
C PRO B 215 -12.47 25.12 -4.42
N ASP C 1 -23.25 -12.48 -41.45
CA ASP C 1 -21.78 -12.67 -41.24
C ASP C 1 -21.39 -14.14 -41.33
N VAL C 2 -20.09 -14.40 -41.43
CA VAL C 2 -19.60 -15.77 -41.41
C VAL C 2 -19.49 -16.20 -39.95
N LEU C 3 -20.22 -17.25 -39.59
CA LEU C 3 -20.22 -17.75 -38.23
C LEU C 3 -19.18 -18.86 -38.10
N MET C 4 -18.30 -18.73 -37.12
CA MET C 4 -17.19 -19.65 -36.91
C MET C 4 -17.39 -20.35 -35.58
N THR C 5 -17.55 -21.67 -35.62
CA THR C 5 -17.86 -22.48 -34.46
C THR C 5 -16.73 -23.49 -34.23
N GLN C 6 -16.18 -23.50 -33.02
CA GLN C 6 -15.05 -24.35 -32.73
C GLN C 6 -15.44 -25.56 -31.89
N THR C 7 -14.74 -26.67 -32.13
CA THR C 7 -14.94 -27.93 -31.43
C THR C 7 -13.58 -28.57 -31.15
N PRO C 8 -13.34 -29.04 -29.92
CA PRO C 8 -14.24 -28.96 -28.77
C PRO C 8 -14.16 -27.60 -28.10
N LEU C 9 -14.79 -27.46 -26.95
CA LEU C 9 -14.71 -26.23 -26.19
C LEU C 9 -13.43 -26.20 -25.36
N SER C 10 -13.07 -27.33 -24.77
CA SER C 10 -11.84 -27.51 -24.02
C SER C 10 -11.29 -28.88 -24.38
N LEU C 11 -9.96 -29.01 -24.36
CA LEU C 11 -9.31 -30.23 -24.84
C LEU C 11 -8.14 -30.63 -23.95
N PRO C 12 -8.34 -31.62 -23.06
CA PRO C 12 -7.22 -32.13 -22.26
C PRO C 12 -6.32 -33.09 -23.04
N VAL C 13 -5.02 -32.92 -22.86
CA VAL C 13 -4.03 -33.70 -23.62
C VAL C 13 -2.75 -33.81 -22.80
N SER C 14 -2.16 -35.01 -22.80
CA SER C 14 -0.90 -35.27 -22.13
C SER C 14 0.27 -34.77 -22.98
N LEU C 15 1.40 -34.52 -22.31
CA LEU C 15 2.60 -34.12 -23.02
C LEU C 15 3.02 -35.21 -23.99
N GLY C 16 3.39 -34.81 -25.21
CA GLY C 16 3.80 -35.73 -26.24
C GLY C 16 2.68 -36.27 -27.10
N ASP C 17 1.44 -36.27 -26.61
CA ASP C 17 0.29 -36.72 -27.38
C ASP C 17 -0.15 -35.64 -28.37
N GLN C 18 -1.11 -36.00 -29.22
CA GLN C 18 -1.62 -35.09 -30.25
C GLN C 18 -2.95 -34.46 -29.84
N ALA C 19 -3.16 -33.23 -30.30
CA ALA C 19 -4.40 -32.49 -30.10
C ALA C 19 -4.92 -32.00 -31.45
N SER C 20 -6.25 -32.05 -31.61
CA SER C 20 -6.91 -31.57 -32.83
C SER C 20 -8.03 -30.60 -32.45
N ILE C 21 -8.07 -29.46 -33.13
CA ILE C 21 -9.09 -28.45 -32.91
C ILE C 21 -9.81 -28.23 -34.23
N SER C 22 -11.13 -28.34 -34.20
CA SER C 22 -11.95 -28.19 -35.39
C SER C 22 -12.60 -26.81 -35.43
N CYS C 23 -12.72 -26.26 -36.62
CA CYS C 23 -13.42 -25.02 -36.89
C CYS C 23 -14.44 -25.29 -37.99
N ARG C 24 -15.67 -24.83 -37.81
CA ARG C 24 -16.69 -24.97 -38.84
C ARG C 24 -17.30 -23.61 -39.14
N SER C 25 -17.37 -23.27 -40.42
CA SER C 25 -18.00 -22.03 -40.86
C SER C 25 -19.44 -22.27 -41.29
N SER C 26 -20.21 -21.18 -41.29
CA SER C 26 -21.60 -21.19 -41.74
C SER C 26 -21.74 -21.08 -43.24
N GLN C 27 -20.64 -20.90 -43.95
CA GLN C 27 -20.69 -20.77 -45.40
C GLN C 27 -19.31 -21.09 -45.92
N THR C 28 -19.22 -21.22 -47.24
CA THR C 28 -17.94 -21.30 -47.90
C THR C 28 -17.19 -20.00 -47.68
N ILE C 29 -15.88 -20.09 -47.45
CA ILE C 29 -15.07 -18.91 -47.19
C ILE C 29 -13.94 -18.81 -48.22
N VAL C 30 -14.30 -18.90 -49.50
CA VAL C 30 -13.34 -18.69 -50.59
C VAL C 30 -13.47 -17.25 -51.07
N HIS C 31 -12.35 -16.55 -51.10
CA HIS C 31 -12.27 -15.17 -51.58
C HIS C 31 -12.48 -15.14 -53.10
N SER C 32 -12.79 -13.94 -53.61
CA SER C 32 -12.97 -13.80 -55.05
C SER C 32 -11.77 -14.34 -55.83
N ASN C 33 -10.59 -14.35 -55.21
CA ASN C 33 -9.37 -14.77 -55.89
C ASN C 33 -9.14 -16.27 -55.83
N GLY C 34 -10.06 -17.05 -55.25
CA GLY C 34 -9.96 -18.49 -55.24
C GLY C 34 -9.19 -19.09 -54.08
N LYS C 35 -8.60 -18.27 -53.20
CA LYS C 35 -7.83 -18.73 -52.06
C LYS C 35 -8.66 -18.61 -50.77
N ILE C 36 -8.38 -19.49 -49.80
CA ILE C 36 -9.04 -19.47 -48.50
C ILE C 36 -8.12 -18.81 -47.49
N TYR C 37 -8.62 -17.80 -46.80
CA TYR C 37 -7.88 -17.10 -45.76
C TYR C 37 -8.41 -17.50 -44.39
N LEU C 38 -8.07 -18.72 -43.99
CA LEU C 38 -8.34 -19.19 -42.64
C LEU C 38 -7.06 -19.13 -41.82
N GLU C 39 -7.15 -18.51 -40.64
CA GLU C 39 -6.01 -18.28 -39.78
C GLU C 39 -6.26 -18.85 -38.40
N TRP C 40 -5.18 -19.28 -37.74
CA TRP C 40 -5.23 -19.82 -36.39
C TRP C 40 -4.39 -18.96 -35.46
N TYR C 41 -4.99 -18.56 -34.34
CA TYR C 41 -4.33 -17.78 -33.32
C TYR C 41 -4.31 -18.56 -32.01
N LEU C 42 -3.26 -18.35 -31.24
CA LEU C 42 -3.15 -18.89 -29.89
C LEU C 42 -2.99 -17.73 -28.93
N GLN C 43 -3.81 -17.71 -27.89
CA GLN C 43 -3.65 -16.74 -26.81
C GLN C 43 -3.23 -17.50 -25.55
N LYS C 44 -1.94 -17.38 -25.20
CA LYS C 44 -1.45 -17.98 -23.98
C LYS C 44 -1.94 -17.15 -22.78
N PRO C 45 -2.05 -17.76 -21.60
CA PRO C 45 -2.51 -17.01 -20.43
C PRO C 45 -1.70 -15.74 -20.19
N GLY C 46 -2.41 -14.62 -20.09
CA GLY C 46 -1.83 -13.34 -19.75
C GLY C 46 -1.16 -12.59 -20.89
N GLN C 47 -1.25 -13.10 -22.11
CA GLN C 47 -0.55 -12.53 -23.25
C GLN C 47 -1.54 -12.16 -24.34
N SER C 48 -1.03 -11.44 -25.35
CA SER C 48 -1.83 -11.16 -26.53
C SER C 48 -1.94 -12.40 -27.41
N PRO C 49 -2.94 -12.46 -28.28
CA PRO C 49 -2.98 -13.54 -29.27
C PRO C 49 -1.81 -13.44 -30.23
N LYS C 50 -1.41 -14.59 -30.76
CA LYS C 50 -0.31 -14.69 -31.70
C LYS C 50 -0.76 -15.50 -32.90
N LEU C 51 -0.31 -15.09 -34.07
CA LEU C 51 -0.62 -15.83 -35.28
C LEU C 51 0.22 -17.10 -35.33
N LEU C 52 -0.46 -18.23 -35.57
CA LEU C 52 0.19 -19.51 -35.81
C LEU C 52 0.16 -19.87 -37.28
N ILE C 53 -1.03 -19.84 -37.88
CA ILE C 53 -1.25 -20.29 -39.24
C ILE C 53 -2.10 -19.29 -39.99
N TYR C 54 -1.79 -19.12 -41.27
CA TYR C 54 -2.58 -18.31 -42.19
C TYR C 54 -2.68 -19.11 -43.48
N ARG C 55 -3.64 -18.74 -44.33
CA ARG C 55 -3.85 -19.44 -45.60
C ARG C 55 -4.08 -20.94 -45.36
N VAL C 56 -4.84 -21.26 -44.32
CA VAL C 56 -5.28 -22.62 -44.01
C VAL C 56 -4.15 -23.48 -43.47
N SER C 57 -3.03 -23.54 -44.18
CA SER C 57 -1.95 -24.47 -43.85
C SER C 57 -0.58 -23.84 -43.72
N LYS C 58 -0.43 -22.54 -43.90
CA LYS C 58 0.88 -21.91 -43.93
C LYS C 58 1.30 -21.46 -42.53
N ARG C 59 2.45 -21.94 -42.09
CA ARG C 59 3.01 -21.57 -40.79
C ARG C 59 3.59 -20.16 -40.83
N PHE C 60 3.23 -19.36 -39.83
CA PHE C 60 3.85 -18.06 -39.59
C PHE C 60 5.27 -18.25 -39.03
N SER C 61 6.11 -17.23 -39.22
CA SER C 61 7.51 -17.34 -38.82
C SER C 61 7.63 -17.52 -37.32
N GLY C 62 8.46 -18.48 -36.91
CA GLY C 62 8.69 -18.79 -35.52
C GLY C 62 7.83 -19.91 -35.00
N VAL C 63 6.89 -20.38 -35.81
CA VAL C 63 5.94 -21.41 -35.39
C VAL C 63 6.57 -22.76 -35.72
N PRO C 64 6.77 -23.64 -34.73
CA PRO C 64 7.48 -24.90 -34.99
C PRO C 64 6.70 -25.80 -35.95
N ASP C 65 7.44 -26.83 -36.42
CA ASP C 65 6.93 -27.74 -37.44
C ASP C 65 5.72 -28.54 -36.95
N ARG C 66 5.52 -28.63 -35.64
CA ARG C 66 4.50 -29.47 -35.05
C ARG C 66 3.09 -28.87 -35.11
N PHE C 67 2.95 -27.62 -35.54
CA PHE C 67 1.64 -27.03 -35.78
C PHE C 67 1.25 -27.24 -37.24
N SER C 68 0.12 -27.91 -37.47
CA SER C 68 -0.31 -28.26 -38.81
C SER C 68 -1.75 -27.80 -39.02
N GLY C 69 -2.01 -27.17 -40.17
CA GLY C 69 -3.35 -26.76 -40.54
C GLY C 69 -3.85 -27.48 -41.77
N SER C 70 -5.17 -27.61 -41.90
CA SER C 70 -5.78 -28.27 -43.03
C SER C 70 -7.23 -27.81 -43.16
N GLY C 71 -7.88 -28.26 -44.23
CA GLY C 71 -9.31 -28.14 -44.38
C GLY C 71 -9.77 -27.54 -45.70
N SER C 72 -11.06 -27.69 -45.98
CA SER C 72 -11.70 -27.06 -47.13
C SER C 72 -13.20 -27.08 -46.88
N GLY C 73 -13.96 -26.50 -47.80
CA GLY C 73 -15.39 -26.40 -47.60
C GLY C 73 -15.68 -25.53 -46.39
N THR C 74 -16.30 -26.13 -45.40
CA THR C 74 -16.61 -25.46 -44.13
C THR C 74 -15.87 -26.06 -42.95
N ASP C 75 -15.04 -27.08 -43.17
CA ASP C 75 -14.37 -27.80 -42.09
C ASP C 75 -12.88 -27.54 -42.15
N PHE C 76 -12.33 -27.04 -41.04
CA PHE C 76 -10.92 -26.69 -40.92
C PHE C 76 -10.43 -27.19 -39.57
N THR C 77 -9.15 -27.56 -39.53
CA THR C 77 -8.62 -28.30 -38.39
C THR C 77 -7.20 -27.85 -38.09
N LEU C 78 -6.95 -27.47 -36.84
CA LEU C 78 -5.60 -27.27 -36.35
C LEU C 78 -5.14 -28.51 -35.59
N LYS C 79 -3.97 -29.02 -35.96
CA LYS C 79 -3.37 -30.17 -35.30
C LYS C 79 -2.03 -29.79 -34.67
N ILE C 80 -1.80 -30.28 -33.46
CA ILE C 80 -0.54 -30.12 -32.74
C ILE C 80 -0.04 -31.52 -32.43
N SER C 81 1.12 -31.87 -32.99
CA SER C 81 1.52 -33.28 -33.06
C SER C 81 2.11 -33.78 -31.75
N ARG C 82 2.94 -32.98 -31.10
CA ARG C 82 3.56 -33.36 -29.83
C ARG C 82 3.45 -32.15 -28.89
N VAL C 83 2.34 -32.11 -28.14
CA VAL C 83 2.06 -30.98 -27.28
C VAL C 83 3.17 -30.81 -26.26
N GLU C 84 3.60 -29.57 -26.08
CA GLU C 84 4.43 -29.17 -24.95
C GLU C 84 3.58 -28.35 -23.99
N ALA C 85 4.05 -28.22 -22.75
CA ALA C 85 3.27 -27.48 -21.76
C ALA C 85 3.12 -26.01 -22.16
N GLU C 86 4.06 -25.49 -22.94
CA GLU C 86 4.03 -24.09 -23.37
C GLU C 86 2.93 -23.80 -24.38
N ASP C 87 2.28 -24.83 -24.92
CA ASP C 87 1.25 -24.69 -25.95
C ASP C 87 -0.14 -24.49 -25.38
N LEU C 88 -0.31 -24.56 -24.06
CA LEU C 88 -1.62 -24.36 -23.48
C LEU C 88 -2.07 -22.91 -23.71
N GLY C 89 -3.38 -22.72 -23.68
CA GLY C 89 -3.98 -21.44 -23.96
C GLY C 89 -5.20 -21.66 -24.82
N VAL C 90 -5.75 -20.56 -25.35
CA VAL C 90 -6.97 -20.61 -26.14
C VAL C 90 -6.61 -20.40 -27.60
N TYR C 91 -7.09 -21.32 -28.44
CA TYR C 91 -6.85 -21.28 -29.87
C TYR C 91 -8.10 -20.75 -30.56
N TYR C 92 -7.92 -19.77 -31.43
CA TYR C 92 -9.01 -19.15 -32.17
C TYR C 92 -8.80 -19.35 -33.66
N CYS C 93 -9.84 -19.77 -34.35
CA CYS C 93 -9.83 -19.71 -35.81
C CYS C 93 -10.42 -18.37 -36.26
N PHE C 94 -10.21 -18.04 -37.54
CA PHE C 94 -10.52 -16.73 -38.07
C PHE C 94 -10.59 -16.82 -39.59
N GLN C 95 -11.59 -16.17 -40.18
CA GLN C 95 -11.72 -16.08 -41.63
C GLN C 95 -11.49 -14.65 -42.08
N GLY C 96 -10.62 -14.47 -43.06
CA GLY C 96 -10.35 -13.16 -43.64
C GLY C 96 -10.72 -13.07 -45.10
N SER C 97 -11.65 -13.93 -45.51
CA SER C 97 -12.10 -14.02 -46.89
C SER C 97 -13.28 -13.10 -47.18
N HIS C 98 -14.22 -13.01 -46.24
CA HIS C 98 -15.41 -12.19 -46.38
C HIS C 98 -15.44 -11.17 -45.26
N VAL C 99 -15.80 -9.93 -45.58
CA VAL C 99 -15.98 -8.91 -44.56
C VAL C 99 -17.43 -8.98 -44.08
N PRO C 100 -17.68 -8.75 -42.78
CA PRO C 100 -16.67 -8.47 -41.76
C PRO C 100 -15.88 -9.71 -41.38
N TRP C 101 -14.57 -9.55 -41.18
CA TRP C 101 -13.74 -10.65 -40.71
C TRP C 101 -14.23 -11.13 -39.35
N THR C 102 -14.26 -12.45 -39.15
CA THR C 102 -14.85 -13.01 -37.93
C THR C 102 -13.96 -14.08 -37.34
N PHE C 103 -13.98 -14.13 -36.01
CA PHE C 103 -13.25 -15.10 -35.19
C PHE C 103 -14.17 -16.21 -34.70
N GLY C 104 -13.57 -17.38 -34.42
CA GLY C 104 -14.25 -18.39 -33.64
C GLY C 104 -14.26 -18.09 -32.15
N GLY C 105 -15.05 -18.88 -31.41
CA GLY C 105 -15.22 -18.67 -29.99
C GLY C 105 -14.06 -19.15 -29.15
N GLY C 106 -13.19 -19.96 -29.70
CA GLY C 106 -12.00 -20.38 -28.98
C GLY C 106 -12.11 -21.79 -28.46
N THR C 107 -10.95 -22.45 -28.38
CA THR C 107 -10.81 -23.78 -27.78
C THR C 107 -9.67 -23.71 -26.80
N LYS C 108 -9.92 -24.02 -25.54
CA LYS C 108 -8.89 -24.00 -24.52
C LYS C 108 -8.15 -25.32 -24.50
N LEU C 109 -6.82 -25.25 -24.56
CA LEU C 109 -5.97 -26.42 -24.44
C LEU C 109 -5.49 -26.57 -23.00
N GLU C 110 -5.74 -27.73 -22.41
CA GLU C 110 -5.37 -28.03 -21.03
C GLU C 110 -4.42 -29.21 -21.03
N ILE C 111 -3.35 -29.11 -20.23
CA ILE C 111 -2.34 -30.16 -20.18
C ILE C 111 -2.68 -31.13 -19.07
N LYS C 112 -2.70 -32.42 -19.40
CA LYS C 112 -2.85 -33.48 -18.42
C LYS C 112 -1.49 -33.73 -17.78
N ARG C 113 -1.47 -33.77 -16.44
CA ARG C 113 -0.25 -34.04 -15.70
C ARG C 113 -0.62 -34.91 -14.51
N ALA C 114 0.41 -35.33 -13.76
CA ALA C 114 0.17 -36.11 -12.55
C ALA C 114 -0.37 -35.21 -11.45
N ASP C 115 -1.29 -35.76 -10.65
CA ASP C 115 -1.87 -35.00 -9.55
C ASP C 115 -0.77 -34.50 -8.62
N ALA C 116 -0.96 -33.29 -8.09
CA ALA C 116 0.00 -32.67 -7.19
C ALA C 116 -0.76 -31.97 -6.07
N ALA C 117 -0.26 -32.11 -4.84
CA ALA C 117 -0.92 -31.47 -3.72
C ALA C 117 -0.54 -29.99 -3.64
N PRO C 118 -1.41 -29.16 -3.09
CA PRO C 118 -1.12 -27.73 -3.01
C PRO C 118 -0.16 -27.38 -1.90
N THR C 119 0.49 -26.23 -2.08
CA THR C 119 1.33 -25.61 -1.05
C THR C 119 0.50 -24.50 -0.40
N VAL C 120 0.07 -24.72 0.83
CA VAL C 120 -0.89 -23.83 1.50
C VAL C 120 -0.15 -22.78 2.31
N SER C 121 -0.68 -21.56 2.32
CA SER C 121 -0.09 -20.43 3.05
C SER C 121 -1.20 -19.49 3.49
N ILE C 122 -1.25 -19.19 4.79
CA ILE C 122 -2.26 -18.32 5.38
C ILE C 122 -1.62 -17.00 5.79
N PHE C 123 -2.35 -15.89 5.61
CA PHE C 123 -1.82 -14.56 5.90
C PHE C 123 -2.85 -13.76 6.70
N PRO C 124 -2.51 -13.25 7.87
CA PRO C 124 -3.46 -12.43 8.62
C PRO C 124 -3.63 -11.05 8.01
N PRO C 125 -4.61 -10.28 8.50
CA PRO C 125 -4.78 -8.90 8.03
C PRO C 125 -3.59 -7.99 8.34
N SER C 126 -3.34 -7.07 7.42
CA SER C 126 -2.30 -6.04 7.61
C SER C 126 -2.83 -4.88 8.45
N SER C 127 -1.89 -4.22 9.14
CA SER C 127 -2.24 -3.06 9.97
C SER C 127 -2.74 -1.88 9.15
N GLU C 128 -2.23 -1.69 7.94
CA GLU C 128 -2.74 -0.61 7.09
C GLU C 128 -4.22 -0.80 6.82
N GLN C 129 -4.63 -2.04 6.53
CA GLN C 129 -6.02 -2.32 6.27
C GLN C 129 -6.85 -2.17 7.53
N LEU C 130 -6.32 -2.64 8.67
CA LEU C 130 -7.04 -2.54 9.92
C LEU C 130 -7.35 -1.10 10.26
N THR C 131 -6.42 -0.19 9.96
CA THR C 131 -6.66 1.23 10.15
C THR C 131 -7.88 1.69 9.36
N SER C 132 -8.10 1.10 8.18
CA SER C 132 -9.25 1.45 7.36
C SER C 132 -10.55 0.96 7.96
N GLY C 133 -10.50 -0.04 8.85
CA GLY C 133 -11.69 -0.64 9.41
C GLY C 133 -12.11 -1.98 8.83
N GLY C 134 -11.32 -2.53 7.90
CA GLY C 134 -11.58 -3.84 7.34
C GLY C 134 -10.47 -4.80 7.68
N ALA C 135 -10.69 -6.08 7.39
CA ALA C 135 -9.71 -7.11 7.72
C ALA C 135 -9.91 -8.30 6.80
N SER C 136 -8.99 -8.48 5.85
CA SER C 136 -9.02 -9.63 4.94
C SER C 136 -7.98 -10.66 5.39
N VAL C 137 -8.43 -11.89 5.55
CA VAL C 137 -7.55 -13.02 5.82
C VAL C 137 -7.40 -13.80 4.52
N VAL C 138 -6.16 -14.13 4.17
CA VAL C 138 -5.88 -14.68 2.85
C VAL C 138 -5.21 -16.04 2.98
N CYS C 139 -5.52 -16.92 2.03
CA CYS C 139 -5.00 -18.27 1.99
C CYS C 139 -4.66 -18.62 0.54
N PHE C 140 -3.38 -18.82 0.25
CA PHE C 140 -2.94 -19.23 -1.09
C PHE C 140 -2.77 -20.74 -1.15
N LEU C 141 -3.46 -21.37 -2.10
CA LEU C 141 -3.28 -22.79 -2.42
C LEU C 141 -2.59 -22.88 -3.78
N ASN C 142 -1.30 -23.21 -3.77
CA ASN C 142 -0.45 -23.00 -4.94
C ASN C 142 0.05 -24.31 -5.55
N ASN C 143 0.12 -24.31 -6.88
CA ASN C 143 0.79 -25.33 -7.68
C ASN C 143 0.24 -26.73 -7.38
N PHE C 144 -1.03 -26.90 -7.69
CA PHE C 144 -1.69 -28.19 -7.51
C PHE C 144 -2.37 -28.61 -8.81
N TYR C 145 -2.74 -29.88 -8.86
CA TYR C 145 -3.41 -30.46 -10.01
C TYR C 145 -4.16 -31.72 -9.55
N PRO C 146 -5.40 -31.93 -10.02
CA PRO C 146 -6.21 -31.16 -10.98
C PRO C 146 -6.79 -29.87 -10.44
N LYS C 147 -7.61 -29.22 -11.27
CA LYS C 147 -8.05 -27.85 -10.98
C LYS C 147 -9.00 -27.80 -9.79
N ASP C 148 -9.87 -28.79 -9.64
CA ASP C 148 -10.91 -28.70 -8.63
C ASP C 148 -10.32 -28.89 -7.24
N ILE C 149 -10.72 -28.01 -6.32
CA ILE C 149 -10.21 -28.03 -4.97
C ILE C 149 -11.24 -27.33 -4.08
N ASN C 150 -11.28 -27.72 -2.82
CA ASN C 150 -12.19 -27.14 -1.84
C ASN C 150 -11.39 -26.48 -0.73
N VAL C 151 -11.89 -25.35 -0.25
CA VAL C 151 -11.30 -24.64 0.88
C VAL C 151 -12.40 -24.28 1.86
N LYS C 152 -12.16 -24.56 3.14
CA LYS C 152 -13.11 -24.30 4.21
C LYS C 152 -12.46 -23.41 5.24
N TRP C 153 -13.12 -22.31 5.59
CA TRP C 153 -12.63 -21.40 6.60
C TRP C 153 -13.21 -21.73 7.96
N LYS C 154 -12.40 -21.53 9.00
CA LYS C 154 -12.83 -21.74 10.37
C LYS C 154 -12.26 -20.66 11.26
N ILE C 155 -13.14 -20.01 12.03
CA ILE C 155 -12.76 -19.01 13.02
C ILE C 155 -13.07 -19.59 14.39
N ASP C 156 -12.04 -19.72 15.23
CA ASP C 156 -12.19 -20.33 16.55
C ASP C 156 -12.94 -21.65 16.46
N GLY C 157 -12.54 -22.47 15.48
CA GLY C 157 -13.05 -23.81 15.34
C GLY C 157 -14.33 -23.97 14.56
N SER C 158 -15.14 -22.92 14.41
CA SER C 158 -16.44 -23.04 13.76
C SER C 158 -16.34 -22.59 12.30
N GLU C 159 -16.95 -23.38 11.42
CA GLU C 159 -16.87 -23.14 9.98
C GLU C 159 -17.44 -21.78 9.61
N ARG C 160 -16.83 -21.17 8.59
CA ARG C 160 -17.22 -19.85 8.12
C ARG C 160 -17.32 -19.87 6.60
N GLN C 161 -18.48 -19.49 6.07
CA GLN C 161 -18.78 -19.60 4.65
C GLN C 161 -19.04 -18.26 3.99
N ASN C 162 -19.77 -17.37 4.66
CA ASN C 162 -20.06 -16.06 4.12
C ASN C 162 -18.81 -15.18 4.17
N GLY C 163 -18.66 -14.32 3.16
CA GLY C 163 -17.50 -13.45 3.10
C GLY C 163 -16.28 -14.09 2.49
N VAL C 164 -16.37 -15.33 2.06
CA VAL C 164 -15.28 -16.03 1.40
C VAL C 164 -15.37 -15.79 -0.09
N LEU C 165 -14.20 -15.59 -0.72
CA LEU C 165 -14.15 -15.25 -2.13
C LEU C 165 -12.94 -15.95 -2.75
N ASN C 166 -13.19 -16.87 -3.67
CA ASN C 166 -12.16 -17.75 -4.20
C ASN C 166 -11.87 -17.44 -5.66
N SER C 167 -10.60 -17.58 -6.06
CA SER C 167 -10.19 -17.27 -7.43
C SER C 167 -9.07 -18.22 -7.86
N TRP C 168 -9.24 -18.81 -9.03
CA TRP C 168 -8.28 -19.75 -9.61
C TRP C 168 -7.43 -19.06 -10.68
N THR C 169 -6.16 -19.45 -10.77
CA THR C 169 -5.34 -19.02 -11.89
C THR C 169 -5.62 -19.88 -13.11
N ASP C 170 -5.19 -19.40 -14.27
CA ASP C 170 -5.09 -20.28 -15.42
C ASP C 170 -3.98 -21.29 -15.18
N GLN C 171 -3.89 -22.28 -16.07
CA GLN C 171 -2.85 -23.29 -15.94
C GLN C 171 -1.47 -22.69 -16.24
N ASP C 172 -0.49 -23.10 -15.43
CA ASP C 172 0.86 -22.55 -15.51
C ASP C 172 1.64 -23.24 -16.62
N SER C 173 2.24 -22.45 -17.51
CA SER C 173 2.90 -23.02 -18.69
C SER C 173 4.17 -23.79 -18.35
N LYS C 174 4.66 -23.73 -17.12
CA LYS C 174 5.90 -24.40 -16.77
C LYS C 174 5.65 -25.79 -16.19
N ASP C 175 4.86 -25.88 -15.12
CA ASP C 175 4.60 -27.14 -14.46
C ASP C 175 3.17 -27.63 -14.67
N SER C 176 2.35 -26.92 -15.44
CA SER C 176 1.00 -27.36 -15.78
C SER C 176 0.10 -27.46 -14.55
N THR C 177 0.42 -26.74 -13.49
CA THR C 177 -0.40 -26.76 -12.28
C THR C 177 -1.36 -25.58 -12.26
N TYR C 178 -2.24 -25.61 -11.27
CA TYR C 178 -3.18 -24.54 -11.00
C TYR C 178 -2.91 -24.02 -9.60
N SER C 179 -3.31 -22.77 -9.38
CA SER C 179 -3.26 -22.16 -8.06
C SER C 179 -4.57 -21.42 -7.84
N MET C 180 -4.91 -21.21 -6.58
CA MET C 180 -6.12 -20.46 -6.26
C MET C 180 -5.92 -19.75 -4.93
N SER C 181 -6.61 -18.62 -4.79
CA SER C 181 -6.57 -17.83 -3.57
C SER C 181 -7.96 -17.81 -2.95
N SER C 182 -8.01 -17.92 -1.63
CA SER C 182 -9.24 -17.81 -0.87
C SER C 182 -9.10 -16.63 0.09
N THR C 183 -10.03 -15.69 0.02
CA THR C 183 -9.99 -14.47 0.81
C THR C 183 -11.24 -14.39 1.68
N LEU C 184 -11.04 -14.38 3.00
CA LEU C 184 -12.11 -14.16 3.96
C LEU C 184 -12.08 -12.71 4.40
N THR C 185 -13.15 -11.97 4.11
CA THR C 185 -13.22 -10.56 4.45
C THR C 185 -14.18 -10.36 5.62
N LEU C 186 -13.73 -9.63 6.63
CA LEU C 186 -14.50 -9.34 7.84
C LEU C 186 -14.40 -7.86 8.15
N THR C 187 -15.16 -7.42 9.15
CA THR C 187 -14.93 -6.09 9.69
C THR C 187 -13.76 -6.12 10.67
N LYS C 188 -13.17 -4.95 10.89
CA LYS C 188 -12.13 -4.82 11.91
C LYS C 188 -12.66 -5.30 13.26
N ASP C 189 -13.86 -4.87 13.63
CA ASP C 189 -14.44 -5.26 14.91
C ASP C 189 -14.57 -6.77 15.03
N GLU C 190 -15.14 -7.41 14.00
CA GLU C 190 -15.35 -8.86 14.07
C GLU C 190 -14.04 -9.62 14.16
N TYR C 191 -13.06 -9.22 13.35
CA TYR C 191 -11.77 -9.91 13.37
C TYR C 191 -11.14 -9.89 14.75
N GLU C 192 -11.22 -8.75 15.44
CA GLU C 192 -10.59 -8.60 16.74
C GLU C 192 -11.44 -9.20 17.87
N ARG C 193 -12.60 -9.76 17.56
CA ARG C 193 -13.37 -10.52 18.54
C ARG C 193 -12.97 -11.99 18.56
N HIS C 194 -12.01 -12.40 17.74
CA HIS C 194 -11.60 -13.81 17.64
C HIS C 194 -10.09 -13.90 17.54
N ASN C 195 -9.58 -15.12 17.74
CA ASN C 195 -8.15 -15.39 17.83
C ASN C 195 -7.68 -16.40 16.80
N SER C 196 -8.32 -17.55 16.70
CA SER C 196 -7.89 -18.64 15.84
C SER C 196 -8.52 -18.54 14.45
N TYR C 197 -7.68 -18.39 13.43
CA TYR C 197 -8.13 -18.35 12.04
C TYR C 197 -7.49 -19.50 11.26
N THR C 198 -8.32 -20.23 10.52
CA THR C 198 -7.89 -21.48 9.89
C THR C 198 -8.51 -21.59 8.51
N CYS C 199 -7.68 -21.88 7.51
CA CYS C 199 -8.12 -22.35 6.20
C CYS C 199 -7.58 -23.76 5.98
N GLU C 200 -8.43 -24.65 5.47
CA GLU C 200 -8.02 -26.04 5.21
C GLU C 200 -8.49 -26.47 3.83
N ALA C 201 -7.56 -26.98 3.04
CA ALA C 201 -7.81 -27.34 1.65
C ALA C 201 -8.00 -28.85 1.53
N THR C 202 -9.05 -29.25 0.82
CA THR C 202 -9.30 -30.65 0.53
C THR C 202 -9.16 -30.89 -0.96
N HIS C 203 -8.25 -31.79 -1.32
CA HIS C 203 -7.90 -32.08 -2.69
C HIS C 203 -7.90 -33.59 -2.90
N LYS C 204 -8.09 -34.04 -4.14
CA LYS C 204 -8.17 -35.46 -4.40
C LYS C 204 -6.86 -36.18 -4.11
N THR C 205 -5.78 -35.44 -3.88
CA THR C 205 -4.50 -36.06 -3.56
C THR C 205 -4.49 -36.67 -2.16
N SER C 206 -5.45 -36.30 -1.31
CA SER C 206 -5.48 -36.84 0.04
C SER C 206 -6.84 -36.62 0.65
N THR C 207 -7.28 -37.59 1.45
CA THR C 207 -8.49 -37.42 2.26
C THR C 207 -8.24 -36.54 3.47
N SER C 208 -6.97 -36.31 3.83
CA SER C 208 -6.62 -35.44 4.95
C SER C 208 -6.41 -34.01 4.45
N PRO C 209 -7.23 -33.05 4.85
CA PRO C 209 -7.00 -31.66 4.43
C PRO C 209 -5.66 -31.12 4.90
N ILE C 210 -5.09 -30.24 4.08
CA ILE C 210 -3.88 -29.49 4.44
C ILE C 210 -4.35 -28.24 5.19
N VAL C 211 -3.82 -28.04 6.40
CA VAL C 211 -4.30 -27.02 7.31
C VAL C 211 -3.21 -26.00 7.58
N LYS C 212 -3.59 -24.73 7.60
CA LYS C 212 -2.71 -23.62 7.97
C LYS C 212 -3.50 -22.66 8.85
N SER C 213 -2.87 -22.20 9.92
CA SER C 213 -3.57 -21.42 10.94
C SER C 213 -2.69 -20.28 11.44
N PHE C 214 -3.32 -19.39 12.20
CA PHE C 214 -2.59 -18.37 12.96
C PHE C 214 -3.48 -17.92 14.11
N ASN C 215 -2.87 -17.21 15.07
CA ASN C 215 -3.54 -16.78 16.28
C ASN C 215 -3.50 -15.27 16.45
N ARG C 216 -4.60 -14.73 16.99
CA ARG C 216 -4.71 -13.32 17.37
C ARG C 216 -5.05 -12.46 16.17
N VAL D 2 9.83 -5.91 -33.84
CA VAL D 2 8.57 -5.19 -33.96
C VAL D 2 7.97 -4.91 -32.59
N LYS D 3 7.53 -3.67 -32.36
CA LYS D 3 6.91 -3.31 -31.09
C LYS D 3 5.72 -2.39 -31.35
N LEU D 4 4.59 -2.70 -30.70
CA LEU D 4 3.36 -1.91 -30.80
C LEU D 4 2.87 -1.62 -29.39
N VAL D 5 2.72 -0.35 -29.05
CA VAL D 5 2.38 0.06 -27.69
C VAL D 5 1.10 0.89 -27.73
N GLU D 6 0.06 0.43 -27.03
CA GLU D 6 -1.22 1.13 -26.99
C GLU D 6 -1.34 2.00 -25.75
N SER D 7 -2.11 3.07 -25.88
CA SER D 7 -2.30 4.05 -24.83
C SER D 7 -3.69 4.67 -24.99
N GLY D 8 -4.10 5.40 -23.96
CA GLY D 8 -5.33 6.17 -24.02
C GLY D 8 -6.54 5.47 -23.45
N GLY D 9 -6.40 4.22 -23.04
CA GLY D 9 -7.52 3.50 -22.50
C GLY D 9 -7.93 4.02 -21.14
N GLY D 10 -9.19 3.76 -20.79
CA GLY D 10 -9.67 4.16 -19.49
C GLY D 10 -11.19 4.08 -19.44
N LEU D 11 -11.74 4.75 -18.42
CA LEU D 11 -13.16 4.72 -18.13
C LEU D 11 -13.89 5.85 -18.85
N VAL D 12 -15.05 5.54 -19.43
CA VAL D 12 -15.83 6.51 -20.18
C VAL D 12 -17.30 6.35 -19.85
N ALA D 13 -18.01 7.46 -19.71
CA ALA D 13 -19.44 7.41 -19.53
C ALA D 13 -20.11 6.93 -20.82
N PRO D 14 -21.21 6.19 -20.71
CA PRO D 14 -21.91 5.75 -21.93
C PRO D 14 -22.29 6.94 -22.80
N GLY D 15 -22.24 6.74 -24.11
CA GLY D 15 -22.46 7.83 -25.04
C GLY D 15 -21.26 8.72 -25.24
N GLY D 16 -20.18 8.50 -24.49
CA GLY D 16 -18.99 9.32 -24.58
C GLY D 16 -18.07 8.91 -25.70
N SER D 17 -16.92 9.57 -25.74
CA SER D 17 -15.93 9.37 -26.79
C SER D 17 -14.54 9.23 -26.16
N LEU D 18 -13.64 8.61 -26.91
CA LEU D 18 -12.28 8.38 -26.47
C LEU D 18 -11.43 8.01 -27.66
N LYS D 19 -10.19 8.48 -27.68
CA LYS D 19 -9.25 8.17 -28.74
C LYS D 19 -8.10 7.35 -28.18
N LEU D 20 -7.80 6.24 -28.84
CA LEU D 20 -6.65 5.41 -28.51
C LEU D 20 -5.51 5.71 -29.47
N SER D 21 -4.29 5.50 -28.99
CA SER D 21 -3.08 5.68 -29.79
C SER D 21 -2.28 4.40 -29.77
N CYS D 22 -1.42 4.24 -30.77
CA CYS D 22 -0.51 3.10 -30.84
C CYS D 22 0.84 3.55 -31.38
N ALA D 23 1.89 3.33 -30.59
CA ALA D 23 3.24 3.69 -31.02
C ALA D 23 3.87 2.48 -31.70
N ALA D 24 4.15 2.61 -32.99
CA ALA D 24 4.73 1.53 -33.78
C ALA D 24 6.22 1.78 -33.94
N SER D 25 7.01 0.72 -33.79
CA SER D 25 8.46 0.84 -33.88
C SER D 25 9.03 -0.52 -34.29
N GLY D 26 10.25 -0.49 -34.80
CA GLY D 26 10.94 -1.69 -35.22
C GLY D 26 10.75 -2.06 -36.68
N PHE D 27 9.98 -1.27 -37.44
CA PHE D 27 9.70 -1.59 -38.83
C PHE D 27 9.27 -0.29 -39.52
N THR D 28 9.15 -0.36 -40.85
CA THR D 28 8.73 0.80 -41.63
C THR D 28 7.21 0.89 -41.59
N PHE D 29 6.72 1.78 -40.74
CA PHE D 29 5.29 1.91 -40.49
C PHE D 29 4.50 2.17 -41.77
N SER D 30 5.06 2.96 -42.70
CA SER D 30 4.31 3.34 -43.88
C SER D 30 4.15 2.21 -44.89
N SER D 31 4.82 1.07 -44.70
CA SER D 31 4.74 -0.02 -45.65
C SER D 31 3.61 -1.01 -45.33
N TYR D 32 3.04 -0.98 -44.13
CA TYR D 32 2.15 -2.03 -43.70
C TYR D 32 0.75 -1.50 -43.42
N PRO D 33 -0.30 -2.27 -43.73
CA PRO D 33 -1.63 -1.93 -43.23
C PRO D 33 -1.77 -2.28 -41.75
N MET D 34 -2.68 -1.57 -41.08
CA MET D 34 -2.85 -1.73 -39.64
C MET D 34 -4.31 -2.02 -39.33
N SER D 35 -4.53 -2.77 -38.24
CA SER D 35 -5.86 -3.13 -37.80
C SER D 35 -5.97 -2.99 -36.29
N TRP D 36 -7.20 -2.82 -35.81
CA TRP D 36 -7.55 -2.91 -34.40
C TRP D 36 -8.43 -4.12 -34.20
N VAL D 37 -8.18 -4.86 -33.13
CA VAL D 37 -9.02 -5.97 -32.72
C VAL D 37 -9.27 -5.80 -31.23
N ARG D 38 -10.51 -6.00 -30.82
CA ARG D 38 -10.84 -5.89 -29.41
C ARG D 38 -11.23 -7.26 -28.88
N GLN D 39 -10.97 -7.47 -27.60
CA GLN D 39 -11.39 -8.67 -26.89
C GLN D 39 -12.31 -8.27 -25.75
N THR D 40 -13.55 -8.72 -25.81
CA THR D 40 -14.54 -8.38 -24.84
C THR D 40 -14.24 -9.07 -23.51
N PRO D 41 -14.93 -8.67 -22.43
CA PRO D 41 -14.75 -9.37 -21.15
C PRO D 41 -15.12 -10.82 -21.22
N GLU D 42 -15.98 -11.19 -22.16
CA GLU D 42 -16.30 -12.59 -22.42
C GLU D 42 -15.19 -13.30 -23.19
N LYS D 43 -14.11 -12.59 -23.52
CA LYS D 43 -12.94 -13.11 -24.24
C LYS D 43 -13.26 -13.46 -25.69
N ARG D 44 -14.35 -12.92 -26.23
CA ARG D 44 -14.64 -13.05 -27.65
C ARG D 44 -13.83 -12.01 -28.41
N LEU D 45 -13.22 -12.43 -29.51
CA LEU D 45 -12.40 -11.55 -30.33
C LEU D 45 -13.26 -10.95 -31.45
N GLU D 46 -13.16 -9.62 -31.60
CA GLU D 46 -13.91 -8.90 -32.62
C GLU D 46 -12.98 -7.94 -33.32
N TRP D 47 -12.83 -8.11 -34.63
CA TRP D 47 -12.15 -7.12 -35.45
C TRP D 47 -13.02 -5.88 -35.58
N VAL D 48 -12.43 -4.70 -35.40
CA VAL D 48 -13.20 -3.46 -35.42
C VAL D 48 -12.70 -2.44 -36.44
N ALA D 49 -11.49 -2.55 -36.99
CA ALA D 49 -11.05 -1.50 -37.90
C ALA D 49 -9.85 -1.95 -38.73
N TYR D 50 -9.77 -1.41 -39.95
CA TYR D 50 -8.67 -1.62 -40.86
C TYR D 50 -8.34 -0.29 -41.54
N ILE D 51 -7.07 -0.14 -41.91
CA ILE D 51 -6.62 0.99 -42.72
C ILE D 51 -5.36 0.55 -43.46
N ASN D 52 -5.24 0.96 -44.72
CA ASN D 52 -4.10 0.51 -45.50
C ASN D 52 -2.87 1.37 -45.20
N ASN D 53 -1.76 0.99 -45.83
CA ASN D 53 -0.47 1.59 -45.52
C ASN D 53 -0.44 3.09 -45.82
N GLY D 54 -1.28 3.56 -46.74
CA GLY D 54 -1.28 4.95 -47.12
C GLY D 54 -2.21 5.81 -46.30
N GLY D 55 -2.91 5.22 -45.33
CA GLY D 55 -3.92 5.92 -44.58
C GLY D 55 -5.27 5.90 -45.24
N GLY D 56 -5.48 5.05 -46.24
CA GLY D 56 -6.72 4.96 -46.97
C GLY D 56 -7.48 3.67 -46.68
N ASN D 57 -8.60 3.53 -47.38
CA ASN D 57 -9.53 2.42 -47.26
C ASN D 57 -9.80 2.06 -45.76
N PRO D 58 -10.23 3.04 -44.98
CA PRO D 58 -10.70 2.71 -43.62
C PRO D 58 -12.01 1.93 -43.67
N TYR D 59 -12.01 0.74 -43.06
CA TYR D 59 -13.10 -0.22 -43.17
C TYR D 59 -13.47 -0.72 -41.78
N TYR D 60 -14.75 -0.92 -41.53
CA TYR D 60 -15.23 -1.33 -40.22
C TYR D 60 -16.36 -2.33 -40.35
N PRO D 61 -16.58 -3.16 -39.32
CA PRO D 61 -17.82 -3.93 -39.27
C PRO D 61 -18.95 -2.99 -38.93
N ASP D 62 -20.17 -3.41 -39.31
CA ASP D 62 -21.28 -2.51 -39.08
C ASP D 62 -21.56 -2.28 -37.59
N THR D 63 -21.02 -3.13 -36.71
CA THR D 63 -21.26 -2.99 -35.29
C THR D 63 -20.70 -1.67 -34.78
N VAL D 64 -19.63 -1.18 -35.40
CA VAL D 64 -18.98 0.06 -34.99
C VAL D 64 -18.92 1.09 -36.11
N LYS D 65 -19.34 0.75 -37.32
CA LYS D 65 -19.30 1.69 -38.42
C LYS D 65 -20.15 2.91 -38.08
N GLY D 66 -19.59 4.10 -38.33
CA GLY D 66 -20.23 5.34 -37.98
C GLY D 66 -19.81 5.91 -36.63
N ARG D 67 -19.23 5.07 -35.77
CA ARG D 67 -18.80 5.47 -34.43
C ARG D 67 -17.29 5.48 -34.27
N PHE D 68 -16.60 4.56 -34.92
CA PHE D 68 -15.15 4.48 -34.85
C PHE D 68 -14.53 5.08 -36.10
N THR D 69 -13.35 5.64 -35.95
CA THR D 69 -12.61 6.26 -37.05
C THR D 69 -11.15 5.89 -36.89
N ILE D 70 -10.65 5.09 -37.79
CA ILE D 70 -9.23 4.73 -37.77
C ILE D 70 -8.45 5.76 -38.58
N SER D 71 -7.22 6.00 -38.17
CA SER D 71 -6.34 6.94 -38.85
C SER D 71 -4.91 6.65 -38.41
N ARG D 72 -3.96 7.25 -39.11
CA ARG D 72 -2.56 7.01 -38.86
C ARG D 72 -1.75 8.24 -39.24
N ASP D 73 -0.67 8.48 -38.50
CA ASP D 73 0.29 9.53 -38.82
C ASP D 73 1.60 8.82 -39.14
N ASN D 74 1.81 8.57 -40.43
CA ASN D 74 3.02 7.88 -40.85
C ASN D 74 4.27 8.70 -40.55
N ALA D 75 4.12 10.01 -40.34
CA ALA D 75 5.24 10.83 -39.89
C ALA D 75 5.64 10.48 -38.48
N LYS D 76 4.66 10.33 -37.59
CA LYS D 76 4.90 10.04 -36.18
C LYS D 76 4.86 8.57 -35.86
N ASN D 77 4.76 7.70 -36.87
CA ASN D 77 4.68 6.25 -36.65
C ASN D 77 3.59 5.90 -35.64
N THR D 78 2.41 6.47 -35.82
CA THR D 78 1.34 6.34 -34.83
C THR D 78 0.02 5.97 -35.49
N LEU D 79 -0.69 5.03 -34.87
CA LEU D 79 -2.01 4.59 -35.30
C LEU D 79 -3.05 4.99 -34.26
N TYR D 80 -4.20 5.49 -34.72
CA TYR D 80 -5.23 6.04 -33.86
C TYR D 80 -6.57 5.32 -34.07
N LEU D 81 -7.39 5.29 -33.01
CA LEU D 81 -8.77 4.80 -33.10
C LEU D 81 -9.67 5.76 -32.31
N GLN D 82 -10.40 6.61 -33.02
CA GLN D 82 -11.34 7.53 -32.39
C GLN D 82 -12.66 6.81 -32.22
N MET D 83 -13.13 6.74 -30.98
CA MET D 83 -14.39 6.08 -30.67
C MET D 83 -15.37 7.12 -30.15
N SER D 84 -16.65 6.88 -30.40
CA SER D 84 -17.66 7.82 -29.97
C SER D 84 -18.99 7.09 -29.83
N SER D 85 -19.92 7.72 -29.13
CA SER D 85 -21.23 7.12 -28.85
C SER D 85 -21.04 5.76 -28.20
N LEU D 86 -20.14 5.70 -27.22
CA LEU D 86 -19.70 4.43 -26.68
C LEU D 86 -20.85 3.73 -25.97
N LYS D 87 -21.02 2.45 -26.27
CA LYS D 87 -22.01 1.60 -25.64
C LYS D 87 -21.34 0.68 -24.62
N SER D 88 -22.18 0.03 -23.80
CA SER D 88 -21.69 -0.99 -22.90
C SER D 88 -21.06 -2.15 -23.66
N GLU D 89 -21.49 -2.39 -24.90
CA GLU D 89 -20.92 -3.46 -25.72
C GLU D 89 -19.50 -3.16 -26.19
N ASP D 90 -19.04 -1.91 -26.09
CA ASP D 90 -17.70 -1.54 -26.53
C ASP D 90 -16.62 -1.79 -25.49
N THR D 91 -17.00 -2.17 -24.28
CA THR D 91 -16.02 -2.45 -23.23
C THR D 91 -15.14 -3.63 -23.62
N ALA D 92 -13.83 -3.40 -23.73
CA ALA D 92 -12.95 -4.46 -24.21
C ALA D 92 -11.50 -4.00 -24.10
N ILE D 93 -10.58 -4.96 -24.28
CA ILE D 93 -9.18 -4.66 -24.56
C ILE D 93 -9.03 -4.48 -26.06
N TYR D 94 -8.43 -3.38 -26.46
CA TYR D 94 -8.21 -3.05 -27.86
C TYR D 94 -6.75 -3.27 -28.22
N TYR D 95 -6.52 -4.08 -29.26
CA TYR D 95 -5.17 -4.40 -29.72
C TYR D 95 -4.86 -3.68 -31.01
N CYS D 96 -3.69 -3.06 -31.06
CA CYS D 96 -3.14 -2.50 -32.28
C CYS D 96 -2.33 -3.57 -32.98
N ILE D 97 -2.53 -3.72 -34.29
CA ILE D 97 -1.99 -4.87 -35.01
C ILE D 97 -1.32 -4.43 -36.31
N ARG D 98 -0.14 -4.98 -36.57
CA ARG D 98 0.47 -4.89 -37.89
C ARG D 98 0.00 -6.09 -38.71
N GLN D 99 -0.75 -5.82 -39.77
CA GLN D 99 -1.33 -6.85 -40.60
C GLN D 99 -0.53 -6.99 -41.88
N TYR D 100 -0.29 -8.24 -42.28
CA TYR D 100 0.28 -8.52 -43.58
C TYR D 100 -0.20 -9.89 -44.06
N TYR D 101 0.42 -10.95 -43.58
CA TYR D 101 -0.09 -12.29 -43.84
C TYR D 101 -1.43 -12.50 -43.15
N GLY D 102 -1.45 -12.29 -41.84
CA GLY D 102 -2.69 -12.16 -41.11
C GLY D 102 -2.57 -11.03 -40.11
N PHE D 103 -3.06 -11.24 -38.90
CA PHE D 103 -2.74 -10.36 -37.78
C PHE D 103 -1.40 -10.79 -37.22
N ASP D 104 -0.32 -10.29 -37.83
CA ASP D 104 1.00 -10.87 -37.60
C ASP D 104 1.56 -10.45 -36.24
N TYR D 105 1.37 -9.19 -35.86
CA TYR D 105 1.92 -8.66 -34.62
C TYR D 105 0.85 -7.88 -33.89
N TRP D 106 0.69 -8.18 -32.60
CA TRP D 106 -0.30 -7.55 -31.74
C TRP D 106 0.39 -6.76 -30.64
N GLY D 107 -0.18 -5.60 -30.31
CA GLY D 107 0.25 -4.90 -29.12
C GLY D 107 -0.26 -5.62 -27.88
N GLN D 108 0.17 -5.12 -26.72
CA GLN D 108 -0.25 -5.73 -25.47
C GLN D 108 -1.62 -5.24 -25.02
N GLY D 109 -2.14 -4.20 -25.65
CA GLY D 109 -3.50 -3.77 -25.41
C GLY D 109 -3.61 -2.61 -24.45
N THR D 110 -4.71 -1.89 -24.58
CA THR D 110 -5.16 -0.88 -23.63
C THR D 110 -6.66 -1.05 -23.47
N THR D 111 -7.15 -0.94 -22.25
CA THR D 111 -8.53 -1.33 -21.94
C THR D 111 -9.45 -0.12 -21.93
N LEU D 112 -10.58 -0.26 -22.63
CA LEU D 112 -11.69 0.68 -22.57
C LEU D 112 -12.78 0.11 -21.67
N THR D 113 -13.37 0.98 -20.85
CA THR D 113 -14.50 0.62 -20.02
C THR D 113 -15.58 1.68 -20.19
N VAL D 114 -16.75 1.28 -20.65
CA VAL D 114 -17.87 2.19 -20.84
C VAL D 114 -18.82 2.02 -19.67
N SER D 115 -18.83 2.99 -18.76
CA SER D 115 -19.61 2.89 -17.53
C SER D 115 -19.85 4.27 -16.94
N SER D 116 -21.00 4.39 -16.26
CA SER D 116 -21.34 5.61 -15.52
C SER D 116 -20.64 5.67 -14.17
N ALA D 117 -20.11 4.53 -13.70
CA ALA D 117 -19.40 4.46 -12.44
C ALA D 117 -18.18 5.39 -12.43
N LYS D 118 -17.58 5.51 -11.24
CA LYS D 118 -16.44 6.39 -11.00
C LYS D 118 -15.15 5.56 -10.93
N THR D 119 -14.06 6.17 -11.38
CA THR D 119 -12.74 5.57 -11.24
C THR D 119 -12.34 5.48 -9.77
N THR D 120 -11.95 4.28 -9.35
CA THR D 120 -11.49 4.04 -7.97
C THR D 120 -10.13 3.38 -8.03
N PRO D 121 -9.08 3.98 -7.45
CA PRO D 121 -7.76 3.32 -7.43
C PRO D 121 -7.72 2.24 -6.36
N PRO D 122 -6.70 1.39 -6.38
CA PRO D 122 -6.62 0.28 -5.42
C PRO D 122 -5.91 0.63 -4.13
N SER D 123 -6.38 -0.01 -3.05
CA SER D 123 -5.66 -0.03 -1.78
C SER D 123 -4.80 -1.30 -1.75
N VAL D 124 -3.51 -1.12 -1.52
CA VAL D 124 -2.54 -2.21 -1.65
C VAL D 124 -2.03 -2.59 -0.27
N TYR D 125 -2.14 -3.86 0.07
CA TYR D 125 -1.78 -4.34 1.38
C TYR D 125 -0.75 -5.46 1.26
N PRO D 126 0.32 -5.45 2.04
CA PRO D 126 1.28 -6.54 2.01
C PRO D 126 0.79 -7.76 2.78
N LEU D 127 1.26 -8.92 2.35
CA LEU D 127 0.91 -10.19 3.00
C LEU D 127 2.19 -10.91 3.41
N ALA D 128 2.46 -10.97 4.72
CA ALA D 128 3.61 -11.68 5.26
C ALA D 128 3.13 -12.78 6.19
N PRO D 129 3.93 -13.85 6.39
CA PRO D 129 3.52 -14.97 7.24
C PRO D 129 3.23 -14.57 8.69
N MET D 138 12.22 -21.98 1.97
CA MET D 138 11.40 -21.38 0.93
C MET D 138 10.20 -20.65 1.58
N VAL D 139 9.96 -19.40 1.20
CA VAL D 139 8.92 -18.58 1.82
C VAL D 139 7.99 -18.00 0.74
N THR D 140 6.70 -17.92 1.07
CA THR D 140 5.67 -17.35 0.19
C THR D 140 5.17 -16.03 0.76
N LEU D 141 5.20 -14.98 -0.06
CA LEU D 141 4.76 -13.64 0.30
C LEU D 141 3.65 -13.20 -0.66
N GLY D 142 2.98 -12.09 -0.33
CA GLY D 142 1.87 -11.68 -1.16
C GLY D 142 1.49 -10.22 -1.05
N CYS D 143 0.63 -9.81 -1.99
CA CYS D 143 0.07 -8.47 -2.07
C CYS D 143 -1.43 -8.59 -2.23
N LEU D 144 -2.19 -7.85 -1.43
CA LEU D 144 -3.63 -7.80 -1.57
C LEU D 144 -4.03 -6.48 -2.21
N VAL D 145 -4.62 -6.55 -3.39
CA VAL D 145 -4.97 -5.37 -4.19
C VAL D 145 -6.48 -5.29 -4.23
N LYS D 146 -7.05 -4.43 -3.39
CA LYS D 146 -8.47 -4.47 -3.04
C LYS D 146 -9.18 -3.20 -3.46
N GLY D 147 -10.34 -3.35 -4.10
CA GLY D 147 -11.32 -2.28 -4.23
C GLY D 147 -11.02 -1.22 -5.27
N TYR D 148 -10.67 -1.63 -6.48
CA TYR D 148 -10.35 -0.70 -7.54
C TYR D 148 -11.37 -0.82 -8.67
N PHE D 149 -11.40 0.19 -9.51
CA PHE D 149 -12.25 0.18 -10.67
C PHE D 149 -11.81 1.30 -11.60
N PRO D 150 -11.78 1.05 -12.92
CA PRO D 150 -12.05 -0.23 -13.57
C PRO D 150 -10.85 -1.14 -13.59
N GLU D 151 -10.98 -2.25 -14.30
CA GLU D 151 -9.81 -3.03 -14.66
C GLU D 151 -9.12 -2.34 -15.82
N PRO D 152 -7.84 -2.63 -16.04
CA PRO D 152 -7.03 -3.57 -15.25
C PRO D 152 -6.10 -2.88 -14.27
N VAL D 153 -5.44 -3.71 -13.46
CA VAL D 153 -4.24 -3.32 -12.77
C VAL D 153 -3.15 -4.25 -13.27
N THR D 154 -1.90 -3.87 -13.02
CA THR D 154 -0.76 -4.72 -13.32
C THR D 154 0.07 -4.80 -12.06
N VAL D 155 0.45 -6.01 -11.68
CA VAL D 155 1.26 -6.23 -10.48
C VAL D 155 2.61 -6.79 -10.90
N THR D 156 3.67 -6.26 -10.31
CA THR D 156 5.01 -6.78 -10.49
C THR D 156 5.70 -6.83 -9.15
N TRP D 157 6.80 -7.58 -9.09
CA TRP D 157 7.58 -7.76 -7.88
C TRP D 157 9.01 -7.31 -8.12
N ASN D 158 9.45 -6.32 -7.34
CA ASN D 158 10.76 -5.70 -7.52
C ASN D 158 10.91 -5.16 -8.94
N SER D 159 9.88 -4.44 -9.38
CA SER D 159 9.87 -3.75 -10.68
C SER D 159 10.16 -4.69 -11.85
N GLY D 160 9.96 -5.99 -11.66
CA GLY D 160 10.17 -6.98 -12.71
C GLY D 160 11.31 -7.92 -12.45
N SER D 161 12.15 -7.64 -11.46
CA SER D 161 13.25 -8.55 -11.12
C SER D 161 12.72 -9.94 -10.82
N LEU D 162 11.74 -10.02 -9.91
CA LEU D 162 11.11 -11.29 -9.56
C LEU D 162 10.11 -11.67 -10.65
N SER D 163 10.51 -12.60 -11.51
CA SER D 163 9.68 -13.06 -12.61
C SER D 163 9.18 -14.49 -12.40
N SER D 164 10.01 -15.37 -11.83
CA SER D 164 9.61 -16.73 -11.56
C SER D 164 8.99 -16.85 -10.17
N GLY D 165 8.26 -17.93 -9.96
CA GLY D 165 7.61 -18.16 -8.68
C GLY D 165 6.40 -17.29 -8.45
N VAL D 166 5.98 -16.52 -9.44
CA VAL D 166 4.88 -15.57 -9.31
C VAL D 166 3.67 -16.11 -10.04
N HIS D 167 2.50 -15.96 -9.42
CA HIS D 167 1.25 -16.01 -10.16
C HIS D 167 0.26 -15.07 -9.50
N THR D 168 -0.40 -14.26 -10.31
CA THR D 168 -1.36 -13.26 -9.86
C THR D 168 -2.76 -13.78 -10.18
N PHE D 169 -3.60 -13.70 -9.24
CA PHE D 169 -4.91 -14.30 -9.37
C PHE D 169 -5.88 -13.34 -10.05
N PRO D 170 -6.80 -13.84 -10.87
CA PRO D 170 -7.75 -12.95 -11.54
C PRO D 170 -8.54 -12.11 -10.54
N ALA D 171 -8.86 -10.89 -10.95
CA ALA D 171 -9.71 -10.05 -10.14
C ALA D 171 -11.14 -10.55 -10.18
N VAL D 172 -11.84 -10.42 -9.06
CA VAL D 172 -13.25 -10.79 -8.96
C VAL D 172 -14.04 -9.55 -8.57
N LEU D 173 -15.21 -9.41 -9.19
CA LEU D 173 -16.07 -8.26 -8.97
C LEU D 173 -17.05 -8.54 -7.83
N GLN D 174 -17.00 -7.72 -6.78
CA GLN D 174 -17.94 -7.77 -5.67
C GLN D 174 -18.34 -6.34 -5.35
N SER D 175 -19.65 -6.09 -5.24
CA SER D 175 -20.15 -4.77 -4.85
C SER D 175 -19.53 -3.69 -5.75
N ASP D 176 -19.46 -4.00 -7.06
CA ASP D 176 -19.05 -3.05 -8.09
C ASP D 176 -17.60 -2.63 -7.96
N LEU D 177 -16.76 -3.45 -7.30
CA LEU D 177 -15.32 -3.20 -7.19
C LEU D 177 -14.56 -4.50 -7.33
N TYR D 178 -13.34 -4.40 -7.87
CA TYR D 178 -12.51 -5.56 -8.12
C TYR D 178 -11.51 -5.77 -6.97
N THR D 179 -11.21 -7.03 -6.71
CA THR D 179 -10.16 -7.40 -5.77
C THR D 179 -9.37 -8.56 -6.36
N LEU D 180 -8.05 -8.47 -6.28
CA LEU D 180 -7.19 -9.58 -6.63
C LEU D 180 -6.03 -9.63 -5.65
N SER D 181 -5.27 -10.72 -5.73
CA SER D 181 -4.07 -10.88 -4.93
C SER D 181 -2.97 -11.45 -5.82
N SER D 182 -1.73 -11.22 -5.41
CA SER D 182 -0.57 -11.75 -6.11
C SER D 182 0.32 -12.45 -5.09
N SER D 183 0.78 -13.65 -5.45
CA SER D 183 1.65 -14.44 -4.59
C SER D 183 3.04 -14.50 -5.22
N VAL D 184 4.07 -14.50 -4.37
CA VAL D 184 5.46 -14.68 -4.81
C VAL D 184 6.17 -15.59 -3.82
N THR D 185 7.02 -16.47 -4.35
CA THR D 185 7.78 -17.42 -3.53
C THR D 185 9.27 -17.28 -3.83
N VAL D 186 10.07 -17.12 -2.78
CA VAL D 186 11.51 -16.92 -2.91
C VAL D 186 12.25 -17.79 -1.89
N PRO D 187 13.56 -17.96 -2.01
CA PRO D 187 14.31 -18.69 -0.98
C PRO D 187 14.26 -17.98 0.36
N SER D 188 14.18 -18.76 1.44
CA SER D 188 14.28 -18.17 2.77
C SER D 188 15.54 -17.34 2.92
N SER D 189 16.60 -17.69 2.19
CA SER D 189 17.81 -16.88 2.16
C SER D 189 17.50 -15.44 1.75
N THR D 190 16.70 -15.28 0.70
CA THR D 190 16.49 -13.95 0.11
C THR D 190 15.76 -13.00 1.05
N TRP D 191 14.84 -13.52 1.87
CA TRP D 191 13.94 -12.66 2.63
C TRP D 191 13.91 -13.08 4.10
N PRO D 192 13.94 -12.10 5.04
CA PRO D 192 13.94 -10.65 4.83
C PRO D 192 15.30 -10.08 4.42
N SER D 193 16.27 -10.98 4.20
CA SER D 193 17.65 -10.56 3.95
C SER D 193 17.75 -9.52 2.83
N GLU D 194 16.81 -9.56 1.89
CA GLU D 194 16.81 -8.63 0.77
C GLU D 194 15.39 -8.10 0.56
N THR D 195 15.31 -6.91 -0.02
CA THR D 195 14.04 -6.19 -0.12
C THR D 195 13.12 -6.80 -1.17
N VAL D 196 11.85 -7.00 -0.79
CA VAL D 196 10.80 -7.51 -1.68
C VAL D 196 9.69 -6.47 -1.75
N THR D 197 9.42 -5.96 -2.95
CA THR D 197 8.44 -4.91 -3.13
C THR D 197 7.38 -5.31 -4.15
N CYS D 198 6.13 -5.04 -3.79
CA CYS D 198 4.97 -5.20 -4.66
C CYS D 198 4.64 -3.88 -5.35
N ASN D 199 4.65 -3.87 -6.69
CA ASN D 199 4.33 -2.68 -7.47
C ASN D 199 3.01 -2.88 -8.23
N VAL D 200 2.04 -2.01 -7.99
CA VAL D 200 0.71 -2.09 -8.59
C VAL D 200 0.46 -0.78 -9.35
N ALA D 201 -0.07 -0.89 -10.57
CA ALA D 201 -0.36 0.27 -11.40
C ALA D 201 -1.80 0.21 -11.91
N HIS D 202 -2.52 1.31 -11.75
CA HIS D 202 -3.91 1.44 -12.22
C HIS D 202 -3.94 2.55 -13.27
N PRO D 203 -4.03 2.22 -14.57
CA PRO D 203 -3.95 3.29 -15.58
C PRO D 203 -5.19 4.17 -15.62
N ALA D 204 -6.38 3.62 -15.36
CA ALA D 204 -7.60 4.42 -15.44
C ALA D 204 -7.61 5.54 -14.41
N SER D 205 -6.91 5.33 -13.30
CA SER D 205 -6.76 6.36 -12.26
C SER D 205 -5.38 6.99 -12.30
N SER D 206 -4.50 6.55 -13.20
CA SER D 206 -3.15 7.09 -13.31
C SER D 206 -2.40 6.87 -11.99
N THR D 207 -2.52 5.66 -11.44
CA THR D 207 -2.00 5.33 -10.12
C THR D 207 -0.82 4.37 -10.22
N LYS D 208 0.13 4.56 -9.31
CA LYS D 208 1.24 3.62 -9.11
C LYS D 208 1.55 3.58 -7.63
N VAL D 209 1.70 2.37 -7.08
CA VAL D 209 1.96 2.18 -5.66
C VAL D 209 3.08 1.16 -5.51
N ASP D 210 3.91 1.35 -4.48
CA ASP D 210 5.01 0.44 -4.17
C ASP D 210 4.96 0.08 -2.70
N LYS D 211 4.56 -1.16 -2.39
CA LYS D 211 4.46 -1.63 -1.01
C LYS D 211 5.58 -2.60 -0.68
N LYS D 212 6.40 -2.22 0.30
CA LYS D 212 7.44 -3.10 0.82
C LYS D 212 6.83 -4.12 1.76
N ILE D 213 7.29 -5.37 1.66
CA ILE D 213 6.80 -6.48 2.47
C ILE D 213 7.71 -6.66 3.68
N VAL D 214 7.17 -6.41 4.87
CA VAL D 214 7.93 -6.54 6.12
C VAL D 214 7.32 -7.66 6.95
N PRO D 215 8.12 -8.41 7.73
CA PRO D 215 7.58 -9.47 8.60
C PRO D 215 6.83 -8.95 9.83
N ASP E 3 0.87 -14.28 -50.76
CA ASP E 3 -0.46 -14.66 -50.29
C ASP E 3 -0.82 -13.97 -48.98
N THR E 4 -0.70 -12.65 -48.98
CA THR E 4 -1.18 -11.84 -47.87
C THR E 4 -2.69 -11.72 -47.91
N ARG E 5 -3.28 -11.47 -46.76
CA ARG E 5 -4.72 -11.37 -46.68
C ARG E 5 -5.18 -10.20 -47.53
N PRO E 6 -6.22 -10.36 -48.35
CA PRO E 6 -6.68 -9.25 -49.18
C PRO E 6 -7.29 -8.13 -48.35
N ALA E 7 -7.15 -6.92 -48.87
CA ALA E 7 -7.79 -5.79 -48.23
C ALA E 7 -9.31 -5.91 -48.38
N PRO E 8 -10.08 -5.35 -47.45
CA PRO E 8 -11.54 -5.43 -47.55
C PRO E 8 -12.12 -4.57 -48.66
N ASP F 3 13.12 -14.44 35.77
CA ASP F 3 13.95 -13.23 35.81
C ASP F 3 13.11 -11.99 35.50
N THR F 4 11.97 -11.88 36.19
CA THR F 4 11.20 -10.65 36.14
C THR F 4 11.86 -9.59 37.02
N ARG F 5 11.63 -8.33 36.69
CA ARG F 5 12.24 -7.28 37.47
C ARG F 5 11.72 -7.35 38.90
N PRO F 6 12.60 -7.32 39.91
CA PRO F 6 12.11 -7.38 41.29
C PRO F 6 11.42 -6.09 41.70
N ALA F 7 10.49 -6.23 42.64
CA ALA F 7 9.77 -5.09 43.18
C ALA F 7 10.72 -4.23 44.02
N PRO F 8 10.43 -2.92 44.17
CA PRO F 8 11.29 -2.08 44.99
C PRO F 8 11.17 -2.33 46.49
#